data_4EYU
#
_entry.id   4EYU
#
_cell.length_a   82.977
_cell.length_b   102.284
_cell.length_c   145.302
_cell.angle_alpha   90.00
_cell.angle_beta   90.00
_cell.angle_gamma   90.00
#
_symmetry.space_group_name_H-M   'P 21 21 21'
#
loop_
_entity.id
_entity.type
_entity.pdbx_description
1 polymer 'Lysine-specific demethylase 6B'
2 non-polymer N-OXALYLGLYCINE
3 non-polymer 'NICKEL (II) ION'
4 non-polymer 'ZINC ION'
5 water water
#
_entity_poly.entity_id   1
_entity_poly.type   'polypeptide(L)'
_entity_poly.pdbx_seq_one_letter_code
;ESYLSPAQSVKPKINTEEKLPREKLNPPTPSIYLESKRDAFSPVLLQFCTDPRNPITVIRGLAGSLRLNLGLFSTKTLVE
ASGEHTVEVRTQVQQPSDENWDLTGTRQIWPCESSRSHTTIAKYAQYQASSFQESLQEELEVLFQGPTKAARKSAPATGG
GSSGSHHIIKFGTNIDLSDAKRWKPQLQELLKLPAFMRVTSTGNMLSHVGHTILGMNTVQLYMKVPGSRTPGHQENNNFC
SVNINIGPGDCEWFAVHEHYWETISAFCDRHGVDYLTGSWWPILDDLYASNIPVYRFVQRPGDLVWINAGTVHWVQATGW
CNNIAWNVGPLTAYQYQLALERYEWNEVKNVKSIVPMIHVSWNVARTVKISDPDLFKMIKFCLLQSMKHCQVQRESLVRA
GKKIAYQGRVKDEPAYYCNECDVEVFNILFVTSENGSRNTYLVHCEGCARRRSAGLQGVVVLEQYRTEELAQAYDAFTLA
PASTSR
;
_entity_poly.pdbx_strand_id   A,B
#
loop_
_chem_comp.id
_chem_comp.type
_chem_comp.name
_chem_comp.formula
NI non-polymer 'NICKEL (II) ION' 'Ni 2'
OGA non-polymer N-OXALYLGLYCINE 'C4 H5 N O5'
ZN non-polymer 'ZINC ION' 'Zn 2'
#
# COMPACT_ATOMS: atom_id res chain seq x y z
N GLU A 1 5.65 -37.09 8.77
CA GLU A 1 4.49 -36.30 8.39
C GLU A 1 4.77 -34.80 8.50
N SER A 2 5.85 -34.34 7.89
CA SER A 2 6.15 -32.92 7.87
C SER A 2 5.18 -32.20 6.94
N TYR A 3 4.92 -30.91 7.22
CA TYR A 3 4.15 -30.08 6.30
C TYR A 3 5.06 -29.59 5.19
N LEU A 4 6.34 -29.93 5.30
CA LEU A 4 7.33 -29.54 4.32
C LEU A 4 7.83 -30.74 3.53
N SER A 5 8.25 -30.49 2.30
CA SER A 5 8.86 -31.52 1.46
C SER A 5 10.29 -31.12 1.17
N PRO A 6 11.24 -31.97 1.58
CA PRO A 6 12.67 -31.64 1.48
C PRO A 6 13.09 -31.31 0.05
N ALA A 7 12.57 -32.07 -0.91
CA ALA A 7 12.90 -31.86 -2.31
C ALA A 7 12.53 -30.47 -2.81
N GLN A 8 11.68 -29.78 -2.06
CA GLN A 8 11.17 -28.48 -2.48
C GLN A 8 12.00 -27.30 -1.97
N SER A 9 13.00 -27.60 -1.15
CA SER A 9 13.75 -26.56 -0.44
C SER A 9 14.44 -25.54 -1.35
N VAL A 10 14.27 -24.26 -1.02
CA VAL A 10 14.90 -23.17 -1.75
C VAL A 10 16.02 -22.52 -0.93
N LYS A 11 16.44 -23.20 0.13
CA LYS A 11 17.49 -22.67 1.00
C LYS A 11 18.84 -22.70 0.31
N PRO A 12 19.55 -21.56 0.35
CA PRO A 12 20.83 -21.45 -0.34
C PRO A 12 21.86 -22.41 0.18
N LYS A 13 22.87 -22.66 -0.65
CA LYS A 13 23.86 -23.68 -0.37
C LYS A 13 25.12 -23.10 0.26
N ILE A 14 25.38 -23.53 1.48
CA ILE A 14 26.57 -23.11 2.22
C ILE A 14 27.30 -24.28 2.88
N ASN A 15 28.62 -24.25 2.87
CA ASN A 15 29.38 -25.31 3.51
C ASN A 15 30.16 -24.84 4.73
N THR A 16 29.83 -25.43 5.88
CA THR A 16 30.52 -25.12 7.14
C THR A 16 31.98 -25.57 7.08
N GLU A 17 32.20 -26.73 6.48
CA GLU A 17 33.52 -27.35 6.41
C GLU A 17 34.56 -26.51 5.67
N GLU A 18 34.16 -25.87 4.58
CA GLU A 18 35.11 -25.09 3.80
C GLU A 18 35.69 -23.96 4.64
N LYS A 19 36.99 -23.78 4.54
CA LYS A 19 37.70 -22.75 5.29
C LYS A 19 37.37 -21.33 4.83
N LEU A 20 37.34 -20.41 5.77
CA LEU A 20 37.08 -19.00 5.47
C LEU A 20 38.19 -18.08 5.97
N PRO A 21 38.74 -17.29 5.04
CA PRO A 21 39.76 -16.28 5.37
C PRO A 21 39.10 -15.06 6.03
N ARG A 22 39.83 -14.42 6.93
CA ARG A 22 39.29 -13.34 7.77
C ARG A 22 38.28 -12.41 7.06
N GLU A 23 38.63 -11.91 5.88
CA GLU A 23 37.77 -10.94 5.19
C GLU A 23 36.38 -11.50 4.89
N LYS A 24 36.31 -12.77 4.50
CA LYS A 24 35.02 -13.43 4.31
C LYS A 24 34.26 -13.52 5.62
N LEU A 25 34.99 -13.45 6.73
CA LEU A 25 34.39 -13.52 8.06
C LEU A 25 33.76 -12.20 8.50
N ASN A 26 34.13 -11.11 7.81
CA ASN A 26 33.44 -9.84 7.98
C ASN A 26 32.91 -9.37 6.63
N PRO A 27 31.68 -9.79 6.28
CA PRO A 27 31.08 -9.37 5.02
C PRO A 27 30.62 -7.92 5.06
N PRO A 28 30.67 -7.23 3.91
CA PRO A 28 30.08 -5.90 3.77
C PRO A 28 28.55 -5.99 3.85
N THR A 29 27.94 -5.04 4.52
CA THR A 29 26.49 -5.06 4.73
C THR A 29 25.77 -4.55 3.49
N PRO A 30 24.93 -5.41 2.90
CA PRO A 30 24.15 -5.01 1.72
C PRO A 30 23.45 -3.69 1.99
N SER A 31 23.71 -2.71 1.13
CA SER A 31 23.30 -1.34 1.39
C SER A 31 22.68 -0.73 0.14
N ILE A 32 21.61 0.03 0.32
CA ILE A 32 20.93 0.66 -0.81
C ILE A 32 20.66 2.14 -0.55
N TYR A 33 20.90 2.96 -1.57
CA TYR A 33 20.49 4.35 -1.53
C TYR A 33 19.53 4.62 -2.68
N LEU A 34 18.33 5.09 -2.35
CA LEU A 34 17.31 5.37 -3.36
C LEU A 34 17.46 6.75 -3.98
N GLU A 35 17.80 6.80 -5.26
CA GLU A 35 17.95 8.07 -5.97
C GLU A 35 16.59 8.69 -6.23
N SER A 36 15.64 7.88 -6.67
CA SER A 36 14.29 8.34 -6.94
C SER A 36 13.28 7.60 -6.08
N LYS A 37 12.25 8.31 -5.63
CA LYS A 37 11.22 7.72 -4.79
C LYS A 37 10.61 6.48 -5.43
N ARG A 38 10.45 6.50 -6.74
CA ARG A 38 9.87 5.38 -7.47
C ARG A 38 10.75 4.13 -7.38
N ASP A 39 12.01 4.32 -7.02
CA ASP A 39 12.94 3.21 -6.88
C ASP A 39 12.46 2.26 -5.79
N ALA A 40 11.98 2.84 -4.69
CA ALA A 40 11.52 2.06 -3.55
C ALA A 40 10.34 1.15 -3.90
N PHE A 41 9.77 1.35 -5.09
CA PHE A 41 8.66 0.52 -5.52
C PHE A 41 9.08 -0.38 -6.67
N SER A 42 10.35 -0.29 -7.04
CA SER A 42 10.92 -1.20 -8.02
C SER A 42 10.84 -2.64 -7.51
N PRO A 43 10.44 -3.56 -8.40
CA PRO A 43 10.44 -4.98 -8.05
C PRO A 43 11.87 -5.46 -7.85
N VAL A 44 12.83 -4.66 -8.29
CA VAL A 44 14.25 -4.93 -8.06
C VAL A 44 14.60 -4.82 -6.57
N LEU A 45 14.02 -3.82 -5.91
CA LEU A 45 14.24 -3.63 -4.49
C LEU A 45 13.71 -4.82 -3.69
N LEU A 46 12.52 -5.29 -4.04
CA LEU A 46 11.91 -6.42 -3.35
C LEU A 46 12.75 -7.68 -3.54
N GLN A 47 13.15 -7.94 -4.77
CA GLN A 47 13.96 -9.13 -5.05
C GLN A 47 15.31 -9.09 -4.32
N PHE A 48 15.81 -7.88 -4.05
CA PHE A 48 17.10 -7.73 -3.38
C PHE A 48 17.01 -7.98 -1.87
N CYS A 49 16.03 -7.36 -1.22
CA CYS A 49 15.82 -7.53 0.23
C CYS A 49 15.44 -8.95 0.62
N THR A 50 14.62 -9.61 -0.20
CA THR A 50 14.13 -10.94 0.13
C THR A 50 15.06 -12.05 -0.35
N ASP A 51 16.09 -11.70 -1.10
CA ASP A 51 17.04 -12.69 -1.58
C ASP A 51 17.62 -13.50 -0.40
N PRO A 52 17.71 -14.82 -0.57
CA PRO A 52 18.28 -15.69 0.46
C PRO A 52 19.76 -15.39 0.75
N ARG A 53 20.50 -14.97 -0.26
CA ARG A 53 21.91 -14.64 -0.10
C ARG A 53 22.12 -13.35 0.69
N ASN A 54 21.06 -12.57 0.84
CA ASN A 54 21.15 -11.30 1.58
C ASN A 54 20.49 -11.42 2.95
N PRO A 55 21.27 -11.76 3.98
CA PRO A 55 20.68 -11.99 5.29
C PRO A 55 20.14 -10.71 5.91
N ILE A 56 20.70 -9.58 5.51
CA ILE A 56 20.30 -8.28 6.07
C ILE A 56 20.60 -7.16 5.06
N THR A 57 19.72 -6.15 5.02
CA THR A 57 19.90 -5.01 4.13
C THR A 57 19.63 -3.67 4.82
N VAL A 58 20.49 -2.70 4.60
CA VAL A 58 20.23 -1.34 5.08
C VAL A 58 19.80 -0.45 3.93
N ILE A 59 18.68 0.24 4.09
CA ILE A 59 18.28 1.28 3.14
C ILE A 59 18.64 2.64 3.72
N ARG A 60 19.64 3.29 3.11
CA ARG A 60 20.19 4.54 3.62
C ARG A 60 19.31 5.75 3.31
N GLY A 61 18.96 6.51 4.35
CA GLY A 61 18.16 7.70 4.19
C GLY A 61 16.83 7.39 3.52
N LEU A 62 16.20 6.29 3.94
CA LEU A 62 14.89 5.95 3.42
C LEU A 62 13.89 7.03 3.77
N ALA A 63 13.88 7.43 5.04
CA ALA A 63 12.94 8.43 5.51
C ALA A 63 13.01 9.72 4.71
N GLY A 64 14.23 10.14 4.36
CA GLY A 64 14.40 11.30 3.50
C GLY A 64 13.77 11.08 2.15
N SER A 65 14.08 9.94 1.52
CA SER A 65 13.59 9.64 0.17
C SER A 65 12.08 9.70 0.02
N LEU A 66 11.34 9.31 1.05
CA LEU A 66 9.88 9.26 0.97
C LEU A 66 9.24 10.37 1.79
N ARG A 67 10.07 11.21 2.39
CA ARG A 67 9.59 12.30 3.22
C ARG A 67 8.71 11.79 4.36
N LEU A 68 9.21 10.80 5.07
CA LEU A 68 8.59 10.37 6.30
C LEU A 68 8.89 11.39 7.38
N ASN A 69 7.86 11.77 8.14
CA ASN A 69 8.03 12.68 9.24
C ASN A 69 8.38 11.92 10.54
N LEU A 70 9.66 11.66 10.75
CA LEU A 70 10.06 10.91 11.94
C LEU A 70 9.77 11.70 13.21
N GLY A 71 9.74 13.02 13.11
CA GLY A 71 9.30 13.86 14.20
C GLY A 71 8.03 13.34 14.88
N LEU A 72 7.16 12.66 14.13
CA LEU A 72 5.96 12.08 14.71
C LEU A 72 6.27 10.99 15.74
N PHE A 73 7.48 10.45 15.66
CA PHE A 73 7.93 9.41 16.60
C PHE A 73 8.95 9.95 17.61
N SER A 74 9.17 11.26 17.60
CA SER A 74 10.11 11.86 18.54
C SER A 74 9.55 11.74 19.95
N THR A 75 10.43 11.67 20.93
CA THR A 75 10.03 11.45 22.32
C THR A 75 9.03 12.50 22.82
N LYS A 76 9.24 13.75 22.44
CA LYS A 76 8.33 14.83 22.82
C LYS A 76 6.93 14.59 22.25
N THR A 77 6.86 14.21 20.99
CA THR A 77 5.58 13.91 20.34
C THR A 77 4.86 12.79 21.08
N LEU A 78 5.61 11.73 21.38
CA LEU A 78 5.08 10.56 22.09
C LEU A 78 4.57 10.95 23.47
N VAL A 79 5.32 11.79 24.17
CA VAL A 79 4.88 12.23 25.48
C VAL A 79 3.57 12.99 25.34
N GLU A 80 3.47 13.79 24.28
CA GLU A 80 2.26 14.55 24.01
C GLU A 80 1.11 13.65 23.59
N ALA A 81 1.40 12.66 22.75
CA ALA A 81 0.38 11.70 22.31
C ALA A 81 -0.11 10.72 23.38
N SER A 82 0.83 10.15 24.13
CA SER A 82 0.50 9.17 25.17
C SER A 82 1.47 9.16 26.36
N GLY A 83 1.35 10.13 27.25
CA GLY A 83 2.23 10.22 28.40
C GLY A 83 2.19 9.11 29.44
N GLU A 84 0.98 8.62 29.73
CA GLU A 84 0.77 7.61 30.75
C GLU A 84 0.75 6.19 30.17
N HIS A 85 0.91 6.11 28.86
CA HIS A 85 1.11 4.83 28.18
C HIS A 85 2.26 4.09 28.86
N THR A 86 2.07 2.81 29.14
CA THR A 86 3.10 2.06 29.86
C THR A 86 4.22 1.56 28.93
N VAL A 87 5.42 1.46 29.48
CA VAL A 87 6.58 0.95 28.73
C VAL A 87 7.33 -0.11 29.54
N GLU A 88 7.81 -1.15 28.85
CA GLU A 88 8.59 -2.20 29.50
C GLU A 88 10.07 -1.83 29.55
N VAL A 89 10.59 -1.69 30.77
CA VAL A 89 11.97 -1.24 30.99
C VAL A 89 12.94 -2.40 31.24
N ARG A 90 14.10 -2.35 30.59
CA ARG A 90 15.15 -3.33 30.81
C ARG A 90 16.37 -2.67 31.47
N THR A 91 16.67 -3.08 32.69
CA THR A 91 17.84 -2.58 33.40
C THR A 91 19.08 -3.40 33.06
N GLN A 92 20.03 -2.76 32.39
CA GLN A 92 21.20 -3.47 31.90
C GLN A 92 22.44 -2.81 32.46
N VAL A 93 23.60 -3.33 32.07
CA VAL A 93 24.86 -2.66 32.38
C VAL A 93 25.47 -2.20 31.06
N GLN A 94 25.97 -0.97 31.04
CA GLN A 94 26.52 -0.40 29.83
C GLN A 94 27.91 -0.93 29.55
N GLN A 95 28.13 -1.32 28.29
CA GLN A 95 29.39 -1.94 27.89
C GLN A 95 29.68 -1.56 26.45
N PRO A 96 30.92 -1.76 26.00
CA PRO A 96 31.20 -1.56 24.57
C PRO A 96 30.26 -2.44 23.75
N SER A 97 30.30 -2.32 22.43
CA SER A 97 29.35 -3.06 21.62
C SER A 97 29.77 -4.51 21.37
N ASP A 98 31.02 -4.71 21.00
CA ASP A 98 31.51 -6.06 20.72
C ASP A 98 31.95 -6.78 21.99
N GLU A 99 31.33 -6.45 23.13
CA GLU A 99 31.74 -7.05 24.40
C GLU A 99 30.67 -7.21 25.48
N ASN A 100 30.68 -8.37 26.12
CA ASN A 100 29.85 -8.63 27.29
C ASN A 100 30.66 -9.40 28.32
N TRP A 101 30.86 -8.79 29.49
CA TRP A 101 31.84 -9.28 30.48
C TRP A 101 31.18 -9.82 31.74
N ASP A 102 31.94 -10.61 32.50
CA ASP A 102 31.54 -10.91 33.86
C ASP A 102 31.76 -9.65 34.72
N LEU A 103 31.48 -9.77 36.01
CA LEU A 103 31.40 -8.61 36.90
C LEU A 103 32.71 -7.86 37.08
N THR A 104 33.83 -8.53 36.86
CA THR A 104 35.14 -7.95 37.14
C THR A 104 35.86 -7.55 35.86
N GLY A 105 35.30 -7.91 34.72
CA GLY A 105 35.95 -7.65 33.46
C GLY A 105 37.13 -8.59 33.31
N THR A 106 36.95 -9.79 33.83
CA THR A 106 37.93 -10.86 33.70
C THR A 106 37.69 -11.61 32.41
N ARG A 107 36.43 -11.88 32.14
CA ARG A 107 36.07 -12.87 31.15
C ARG A 107 34.88 -12.41 30.33
N GLN A 108 34.87 -12.74 29.06
CA GLN A 108 33.70 -12.52 28.23
C GLN A 108 32.72 -13.66 28.42
N ILE A 109 31.44 -13.33 28.45
CA ILE A 109 30.40 -14.32 28.65
C ILE A 109 29.22 -14.14 27.71
N TRP A 110 28.53 -15.25 27.46
CA TRP A 110 27.37 -15.27 26.58
C TRP A 110 26.12 -14.80 27.30
N PRO A 111 25.89 -15.28 28.52
CA PRO A 111 24.69 -14.87 29.24
C PRO A 111 24.62 -13.35 29.38
N CYS A 112 23.44 -12.78 29.09
CA CYS A 112 23.21 -11.34 29.07
C CYS A 112 22.26 -10.96 30.20
N GLU A 113 22.67 -10.02 31.04
CA GLU A 113 21.86 -9.61 32.18
C GLU A 113 20.84 -8.56 31.79
N SER A 114 19.56 -8.88 32.02
CA SER A 114 18.48 -7.94 31.72
C SER A 114 17.39 -8.10 32.76
N SER A 115 16.91 -6.98 33.28
CA SER A 115 15.96 -7.01 34.39
C SER A 115 14.73 -6.16 34.08
N ARG A 116 13.55 -6.76 34.26
CA ARG A 116 12.30 -6.15 33.81
C ARG A 116 11.59 -5.29 34.85
N SER A 117 10.97 -4.22 34.39
CA SER A 117 10.06 -3.43 35.21
C SER A 117 9.18 -2.58 34.27
N HIS A 118 8.33 -1.74 34.84
CA HIS A 118 7.38 -1.01 34.03
C HIS A 118 7.22 0.44 34.52
N THR A 119 7.21 1.35 33.55
CA THR A 119 7.02 2.77 33.83
C THR A 119 6.13 3.39 32.76
N THR A 120 5.89 4.70 32.86
CA THR A 120 5.07 5.40 31.88
C THR A 120 5.96 6.10 30.86
N ILE A 121 5.49 6.19 29.61
CA ILE A 121 6.23 6.88 28.56
C ILE A 121 6.76 8.23 29.07
N ALA A 122 5.94 8.94 29.83
CA ALA A 122 6.33 10.24 30.38
C ALA A 122 7.53 10.11 31.31
N LYS A 123 7.45 9.18 32.25
CA LYS A 123 8.54 8.98 33.19
C LYS A 123 9.81 8.49 32.50
N TYR A 124 9.67 7.59 31.54
CA TYR A 124 10.86 7.14 30.83
C TYR A 124 11.53 8.26 30.02
N ALA A 125 10.73 9.16 29.45
CA ALA A 125 11.28 10.26 28.68
C ALA A 125 12.11 11.17 29.57
N GLN A 126 11.66 11.35 30.80
CA GLN A 126 12.37 12.16 31.78
C GLN A 126 13.73 11.56 32.08
N TYR A 127 13.79 10.23 32.12
CA TYR A 127 15.04 9.53 32.37
C TYR A 127 15.98 9.67 31.17
N GLN A 128 15.43 9.47 29.97
CA GLN A 128 16.19 9.54 28.73
C GLN A 128 16.84 10.91 28.55
N ALA A 129 16.18 11.94 29.06
CA ALA A 129 16.68 13.31 28.95
C ALA A 129 17.67 13.62 30.08
N SER A 130 17.26 13.37 31.32
CA SER A 130 18.17 13.45 32.46
C SER A 130 19.45 12.70 32.15
N SER A 131 19.29 11.49 31.62
CA SER A 131 20.43 10.72 31.15
C SER A 131 21.31 11.54 30.20
N PHE A 132 20.67 12.25 29.28
CA PHE A 132 21.41 13.05 28.29
C PHE A 132 22.12 14.25 28.91
N GLN A 133 21.45 14.95 29.81
CA GLN A 133 22.05 16.10 30.47
C GLN A 133 23.33 15.70 31.19
N GLU A 134 23.19 14.75 32.10
CA GLU A 134 24.31 14.28 32.89
C GLU A 134 25.53 13.94 32.05
N SER A 135 25.32 13.27 30.92
CA SER A 135 26.43 12.96 30.05
C SER A 135 27.03 14.25 29.49
N LEU A 136 26.18 15.25 29.27
CA LEU A 136 26.62 16.53 28.76
C LEU A 136 27.41 17.33 29.80
N GLN A 137 26.89 17.40 31.02
CA GLN A 137 27.59 18.05 32.12
C GLN A 137 29.00 17.47 32.31
N GLU A 138 29.09 16.16 32.44
CA GLU A 138 30.37 15.49 32.59
C GLU A 138 31.29 15.82 31.43
N GLU A 139 30.70 16.12 30.28
CA GLU A 139 31.47 16.46 29.08
C GLU A 139 31.98 17.89 29.15
N LEU A 140 31.19 18.78 29.73
CA LEU A 140 31.57 20.18 29.86
C LEU A 140 32.58 20.38 30.99
N GLU A 141 32.30 19.78 32.14
CA GLU A 141 33.18 19.90 33.30
C GLU A 141 34.62 19.71 32.86
N VAL A 142 34.87 18.62 32.14
CA VAL A 142 36.20 18.31 31.64
C VAL A 142 36.76 19.45 30.81
N LEU A 143 35.94 19.99 29.91
CA LEU A 143 36.36 21.08 29.05
C LEU A 143 36.72 22.32 29.85
N PHE A 144 35.92 22.61 30.88
CA PHE A 144 36.16 23.77 31.73
C PHE A 144 37.48 23.62 32.48
N GLN A 145 37.76 22.41 32.94
CA GLN A 145 38.99 22.13 33.67
C GLN A 145 39.47 20.71 33.43
N HIS A 166 30.66 0.28 37.01
CA HIS A 166 29.47 -0.21 36.32
C HIS A 166 28.40 0.86 36.16
N HIS A 167 28.27 1.39 34.95
CA HIS A 167 27.19 2.33 34.66
C HIS A 167 25.92 1.55 34.37
N ILE A 168 24.92 1.70 35.22
CA ILE A 168 23.64 1.06 35.03
C ILE A 168 22.71 1.90 34.16
N ILE A 169 22.16 1.29 33.12
CA ILE A 169 21.23 2.00 32.25
C ILE A 169 19.85 1.34 32.21
N LYS A 170 18.84 2.14 31.88
CA LYS A 170 17.47 1.65 31.72
C LYS A 170 17.06 1.78 30.24
N PHE A 171 16.47 0.72 29.69
CA PHE A 171 16.16 0.63 28.27
C PHE A 171 14.65 0.50 28.05
N GLY A 172 14.06 1.44 27.34
CA GLY A 172 12.62 1.45 27.10
C GLY A 172 12.24 0.61 25.89
N THR A 173 11.59 -0.51 26.15
CA THR A 173 11.46 -1.53 25.13
C THR A 173 9.99 -1.94 24.90
N ASN A 174 9.74 -2.53 23.74
CA ASN A 174 8.41 -3.09 23.43
C ASN A 174 7.24 -2.20 23.85
N ILE A 175 7.25 -0.97 23.36
CA ILE A 175 6.16 -0.03 23.63
C ILE A 175 5.13 -0.19 22.50
N ASP A 176 3.89 -0.47 22.88
CA ASP A 176 2.88 -0.89 21.91
C ASP A 176 2.14 0.26 21.23
N LEU A 177 2.35 0.39 19.92
CA LEU A 177 1.68 1.43 19.14
C LEU A 177 0.49 0.87 18.35
N SER A 178 -0.16 -0.16 18.86
CA SER A 178 -1.22 -0.84 18.10
C SER A 178 -2.49 0.01 17.93
N ASP A 179 -2.85 0.79 18.94
CA ASP A 179 -4.10 1.56 18.84
C ASP A 179 -4.03 2.60 17.74
N ALA A 180 -5.01 2.57 16.85
CA ALA A 180 -5.07 3.50 15.73
C ALA A 180 -5.34 4.98 16.05
N LYS A 181 -6.29 5.24 16.93
CA LYS A 181 -6.67 6.60 17.27
C LYS A 181 -5.49 7.40 17.82
N ARG A 182 -4.89 6.92 18.90
CA ARG A 182 -3.80 7.64 19.54
C ARG A 182 -2.61 7.79 18.60
N TRP A 183 -2.37 6.75 17.82
CA TRP A 183 -1.18 6.65 16.98
C TRP A 183 -1.51 6.85 15.51
N LYS A 184 -2.70 7.40 15.24
CA LYS A 184 -3.18 7.60 13.89
C LYS A 184 -2.15 8.29 13.00
N PRO A 185 -1.76 9.51 13.36
CA PRO A 185 -0.80 10.19 12.49
C PRO A 185 0.53 9.43 12.38
N GLN A 186 0.94 8.74 13.44
CA GLN A 186 2.15 7.93 13.41
C GLN A 186 2.02 6.78 12.41
N LEU A 187 0.92 6.03 12.51
CA LEU A 187 0.71 4.87 11.64
C LEU A 187 0.43 5.27 10.19
N GLN A 188 -0.29 6.36 10.00
CA GLN A 188 -0.59 6.82 8.65
C GLN A 188 0.71 7.08 7.89
N GLU A 189 1.73 7.56 8.59
CA GLU A 189 3.00 7.89 7.96
C GLU A 189 3.61 6.66 7.29
N LEU A 190 3.41 5.50 7.89
CA LEU A 190 4.02 4.26 7.42
C LEU A 190 3.34 3.68 6.19
N LEU A 191 2.23 4.29 5.79
CA LEU A 191 1.54 3.91 4.55
C LEU A 191 2.32 4.34 3.33
N LYS A 192 3.32 5.19 3.54
CA LYS A 192 4.17 5.69 2.44
C LYS A 192 5.21 4.67 2.00
N LEU A 193 5.40 3.64 2.81
CA LEU A 193 6.37 2.60 2.50
C LEU A 193 5.85 1.74 1.34
N PRO A 194 6.74 1.03 0.64
CA PRO A 194 6.32 0.06 -0.37
C PRO A 194 5.50 -1.07 0.28
N ALA A 195 4.60 -1.69 -0.47
CA ALA A 195 3.65 -2.66 0.07
C ALA A 195 4.31 -3.77 0.91
N PHE A 196 5.37 -4.37 0.38
CA PHE A 196 6.03 -5.47 1.08
C PHE A 196 6.66 -5.09 2.43
N MET A 197 6.74 -3.80 2.74
CA MET A 197 7.27 -3.36 4.03
C MET A 197 6.17 -2.85 4.95
N ARG A 198 4.94 -2.76 4.45
CA ARG A 198 3.89 -2.15 5.25
C ARG A 198 3.36 -3.08 6.36
N VAL A 199 2.84 -2.47 7.41
CA VAL A 199 2.23 -3.21 8.51
C VAL A 199 1.18 -4.20 8.02
N THR A 200 0.36 -3.76 7.06
CA THR A 200 -0.79 -4.52 6.58
C THR A 200 -0.80 -4.54 5.06
N SER A 201 -0.80 -5.73 4.48
CA SER A 201 -0.74 -5.85 3.03
C SER A 201 -1.23 -7.22 2.59
N THR A 202 -1.95 -7.25 1.47
CA THR A 202 -2.47 -8.50 0.92
C THR A 202 -1.33 -9.47 0.65
N GLY A 203 -0.16 -8.93 0.34
CA GLY A 203 1.02 -9.74 0.07
C GLY A 203 1.83 -10.08 1.31
N ASN A 204 1.25 -9.81 2.48
CA ASN A 204 1.93 -10.04 3.76
C ASN A 204 1.20 -11.08 4.63
N MET A 205 1.80 -12.27 4.77
CA MET A 205 1.15 -13.38 5.47
C MET A 205 0.57 -13.00 6.81
N LEU A 206 1.20 -12.05 7.48
CA LEU A 206 0.76 -11.66 8.82
C LEU A 206 -0.57 -10.92 8.77
N SER A 207 -0.93 -10.44 7.58
CA SER A 207 -2.23 -9.80 7.39
C SER A 207 -3.32 -10.83 7.18
N HIS A 208 -2.93 -12.10 7.06
CA HIS A 208 -3.87 -13.18 6.84
C HIS A 208 -4.07 -14.04 8.09
N VAL A 209 -3.55 -13.58 9.22
CA VAL A 209 -3.73 -14.29 10.48
C VAL A 209 -5.17 -14.22 10.97
N GLY A 210 -5.82 -13.08 10.75
CA GLY A 210 -7.19 -12.90 11.16
C GLY A 210 -7.34 -12.37 12.57
N HIS A 211 -6.20 -12.17 13.24
CA HIS A 211 -6.20 -11.52 14.54
C HIS A 211 -4.91 -10.73 14.77
N THR A 212 -4.88 -9.96 15.84
CA THR A 212 -3.78 -9.03 16.10
C THR A 212 -2.70 -9.64 16.97
N ILE A 213 -1.49 -9.71 16.42
CA ILE A 213 -0.32 -10.22 17.15
C ILE A 213 0.64 -9.06 17.47
N LEU A 214 0.62 -8.61 18.72
CA LEU A 214 1.40 -7.45 19.15
C LEU A 214 2.88 -7.53 18.79
N GLY A 215 3.38 -6.49 18.12
CA GLY A 215 4.79 -6.40 17.82
C GLY A 215 5.16 -7.04 16.50
N MET A 216 4.23 -7.80 15.94
CA MET A 216 4.44 -8.39 14.62
C MET A 216 3.63 -7.70 13.54
N ASN A 217 2.31 -7.83 13.60
CA ASN A 217 1.46 -7.06 12.69
C ASN A 217 0.93 -5.79 13.36
N THR A 218 1.60 -5.38 14.43
CA THR A 218 1.42 -4.05 15.00
C THR A 218 2.80 -3.44 15.25
N VAL A 219 2.85 -2.13 15.43
CA VAL A 219 4.14 -1.44 15.56
C VAL A 219 4.66 -1.41 16.99
N GLN A 220 5.98 -1.61 17.13
CA GLN A 220 6.66 -1.49 18.41
C GLN A 220 7.61 -0.30 18.41
N LEU A 221 7.55 0.49 19.47
CA LEU A 221 8.47 1.60 19.65
C LEU A 221 9.53 1.30 20.73
N TYR A 222 10.80 1.55 20.39
CA TYR A 222 11.88 1.44 21.36
C TYR A 222 12.40 2.83 21.72
N MET A 223 12.57 3.08 23.01
CA MET A 223 13.20 4.32 23.48
C MET A 223 14.52 4.00 24.16
N LYS A 224 15.62 4.49 23.59
CA LYS A 224 16.93 4.02 23.99
C LYS A 224 17.87 5.08 24.59
N VAL A 225 18.81 4.61 25.40
CA VAL A 225 19.97 5.40 25.78
C VAL A 225 21.20 4.58 25.39
N PRO A 226 22.36 5.24 25.30
CA PRO A 226 23.59 4.56 24.87
C PRO A 226 23.86 3.32 25.70
N GLY A 227 24.11 2.19 25.04
CA GLY A 227 24.32 0.93 25.73
C GLY A 227 23.08 0.05 25.76
N SER A 228 21.92 0.60 25.36
CA SER A 228 20.67 -0.17 25.32
C SER A 228 20.76 -1.33 24.35
N ARG A 229 20.56 -2.54 24.88
CA ARG A 229 20.75 -3.76 24.10
C ARG A 229 19.49 -4.59 23.93
N THR A 230 19.32 -5.11 22.72
CA THR A 230 18.40 -6.19 22.47
C THR A 230 19.27 -7.41 22.17
N PRO A 231 19.17 -8.44 23.00
CA PRO A 231 20.06 -9.60 22.87
C PRO A 231 19.73 -10.50 21.68
N GLY A 232 20.57 -11.51 21.47
CA GLY A 232 20.46 -12.36 20.30
C GLY A 232 19.09 -13.00 20.13
N HIS A 233 18.62 -13.03 18.90
CA HIS A 233 17.38 -13.72 18.59
C HIS A 233 17.13 -13.88 17.12
N GLN A 234 16.20 -14.78 16.80
CA GLN A 234 15.53 -14.78 15.52
C GLN A 234 14.12 -14.29 15.78
N GLU A 235 13.45 -13.75 14.77
CA GLU A 235 12.09 -13.29 14.94
C GLU A 235 11.15 -14.49 15.11
N ASN A 236 10.02 -14.29 15.76
CA ASN A 236 8.98 -15.33 15.84
C ASN A 236 8.71 -16.00 14.50
N ASN A 237 8.74 -17.33 14.49
CA ASN A 237 8.51 -18.12 13.29
C ASN A 237 9.33 -17.68 12.07
N ASN A 238 10.49 -17.10 12.33
CA ASN A 238 11.40 -16.70 11.26
C ASN A 238 10.85 -15.64 10.31
N PHE A 239 9.96 -14.78 10.82
CA PHE A 239 9.42 -13.72 9.98
C PHE A 239 10.36 -12.54 9.83
N CYS A 240 10.28 -11.88 8.68
CA CYS A 240 11.12 -10.73 8.37
C CYS A 240 10.83 -9.57 9.31
N SER A 241 11.81 -8.70 9.47
CA SER A 241 11.64 -7.56 10.36
C SER A 241 12.00 -6.25 9.64
N VAL A 242 11.29 -5.19 10.01
CA VAL A 242 11.54 -3.87 9.47
C VAL A 242 11.73 -2.90 10.62
N ASN A 243 12.83 -2.16 10.56
CA ASN A 243 13.20 -1.29 11.68
C ASN A 243 13.65 0.07 11.19
N ILE A 244 13.08 1.12 11.77
CA ILE A 244 13.49 2.46 11.41
C ILE A 244 14.02 3.23 12.61
N ASN A 245 15.23 3.76 12.48
CA ASN A 245 15.84 4.57 13.52
C ASN A 245 15.31 6.01 13.47
N ILE A 246 14.59 6.40 14.51
CA ILE A 246 14.09 7.76 14.63
C ILE A 246 15.25 8.74 14.76
N GLY A 247 16.29 8.32 15.48
CA GLY A 247 17.43 9.18 15.73
C GLY A 247 17.15 9.99 16.97
N PRO A 248 18.03 10.92 17.32
CA PRO A 248 19.26 11.21 16.56
C PRO A 248 20.27 10.07 16.51
N GLY A 249 20.39 9.32 17.60
CA GLY A 249 21.42 8.32 17.76
C GLY A 249 21.50 7.11 16.84
N ASP A 250 22.75 6.76 16.53
CA ASP A 250 23.17 5.62 15.74
C ASP A 250 23.11 4.30 16.49
N CYS A 251 22.44 3.31 15.91
CA CYS A 251 22.38 1.99 16.48
C CYS A 251 23.37 1.07 15.79
N GLU A 252 23.99 0.17 16.55
CA GLU A 252 24.95 -0.77 15.97
C GLU A 252 24.32 -2.16 15.91
N TRP A 253 24.43 -2.80 14.76
CA TRP A 253 23.73 -4.04 14.47
C TRP A 253 24.72 -5.17 14.21
N PHE A 254 24.37 -6.37 14.68
CA PHE A 254 25.13 -7.56 14.37
C PHE A 254 24.15 -8.60 13.85
N ALA A 255 24.54 -9.32 12.79
CA ALA A 255 23.65 -10.31 12.22
C ALA A 255 24.42 -11.50 11.67
N VAL A 256 23.76 -12.65 11.69
CA VAL A 256 24.30 -13.88 11.15
C VAL A 256 23.24 -14.60 10.32
N HIS A 257 23.66 -15.11 9.16
CA HIS A 257 22.76 -15.79 8.24
C HIS A 257 22.06 -16.98 8.91
N GLU A 258 20.79 -17.19 8.56
CA GLU A 258 19.96 -18.27 9.12
C GLU A 258 20.67 -19.61 9.18
N HIS A 259 21.51 -19.88 8.18
CA HIS A 259 22.16 -21.15 8.00
C HIS A 259 22.96 -21.61 9.23
N TYR A 260 23.43 -20.65 10.02
CA TYR A 260 24.32 -20.93 11.14
C TYR A 260 23.58 -20.91 12.47
N TRP A 261 22.26 -20.80 12.44
CA TRP A 261 21.52 -20.63 13.69
C TRP A 261 21.73 -21.76 14.71
N GLU A 262 21.71 -23.00 14.24
CA GLU A 262 21.82 -24.12 15.15
C GLU A 262 23.20 -24.10 15.83
N THR A 263 24.25 -23.70 15.11
CA THR A 263 25.59 -23.58 15.69
C THR A 263 25.65 -22.56 16.80
N ILE A 264 24.83 -21.52 16.68
CA ILE A 264 24.79 -20.48 17.69
C ILE A 264 23.96 -20.98 18.86
N SER A 265 23.02 -21.85 18.54
CA SER A 265 22.15 -22.48 19.51
C SER A 265 22.96 -23.41 20.41
N ALA A 266 23.94 -24.09 19.83
CA ALA A 266 24.80 -25.00 20.58
C ALA A 266 25.68 -24.23 21.56
N PHE A 267 26.10 -23.02 21.18
CA PHE A 267 26.84 -22.16 22.09
C PHE A 267 26.01 -21.83 23.33
N CYS A 268 24.76 -21.47 23.11
CA CYS A 268 23.86 -21.15 24.23
C CYS A 268 23.65 -22.37 25.13
N ASP A 269 23.54 -23.54 24.52
CA ASP A 269 23.37 -24.77 25.31
C ASP A 269 24.59 -24.96 26.21
N ARG A 270 25.79 -25.01 25.61
CA ARG A 270 27.03 -25.18 26.35
C ARG A 270 27.25 -24.14 27.45
N HIS A 271 26.68 -22.95 27.29
CA HIS A 271 26.81 -21.91 28.31
C HIS A 271 25.59 -21.86 29.22
N GLY A 272 24.68 -22.82 29.06
CA GLY A 272 23.54 -22.95 29.94
C GLY A 272 22.56 -21.78 29.90
N VAL A 273 22.33 -21.26 28.69
CA VAL A 273 21.28 -20.28 28.43
C VAL A 273 20.36 -20.82 27.34
N ASP A 274 19.05 -20.73 27.55
CA ASP A 274 18.13 -21.21 26.53
C ASP A 274 18.22 -20.34 25.28
N TYR A 275 18.38 -20.98 24.13
CA TYR A 275 18.53 -20.25 22.87
C TYR A 275 17.26 -19.46 22.51
N LEU A 276 16.10 -20.11 22.56
CA LEU A 276 14.83 -19.51 22.15
C LEU A 276 14.28 -18.46 23.13
N THR A 277 14.43 -18.68 24.42
CA THR A 277 13.80 -17.81 25.42
C THR A 277 14.80 -17.11 26.32
N GLY A 278 16.07 -17.47 26.20
CA GLY A 278 17.09 -16.90 27.05
C GLY A 278 17.62 -15.57 26.56
N SER A 279 18.35 -14.90 27.43
CA SER A 279 18.97 -13.62 27.13
C SER A 279 20.47 -13.80 26.94
N TRP A 280 20.93 -13.69 25.70
CA TRP A 280 22.34 -13.93 25.41
C TRP A 280 22.95 -12.92 24.43
N TRP A 281 24.21 -12.60 24.64
CA TRP A 281 24.95 -11.69 23.78
C TRP A 281 26.20 -12.42 23.29
N PRO A 282 26.25 -12.76 22.00
CA PRO A 282 27.33 -13.57 21.44
C PRO A 282 28.74 -13.02 21.70
N ILE A 283 29.69 -13.93 21.90
CA ILE A 283 31.11 -13.61 21.93
C ILE A 283 31.64 -13.71 20.49
N LEU A 284 31.99 -12.56 19.91
CA LEU A 284 32.36 -12.52 18.49
C LEU A 284 33.53 -13.42 18.12
N ASP A 285 34.58 -13.42 18.95
CA ASP A 285 35.71 -14.32 18.74
C ASP A 285 35.27 -15.79 18.66
N ASP A 286 34.24 -16.14 19.41
CA ASP A 286 33.67 -17.49 19.34
C ASP A 286 33.17 -17.82 17.94
N LEU A 287 32.44 -16.88 17.34
CA LEU A 287 31.88 -17.09 16.01
C LEU A 287 33.00 -17.16 14.98
N TYR A 288 33.89 -16.18 14.99
CA TYR A 288 35.02 -16.19 14.07
C TYR A 288 35.77 -17.50 14.17
N ALA A 289 36.01 -17.94 15.41
CA ALA A 289 36.67 -19.22 15.65
C ALA A 289 35.89 -20.37 15.03
N SER A 290 34.56 -20.22 14.97
CA SER A 290 33.68 -21.24 14.40
C SER A 290 33.47 -21.06 12.90
N ASN A 291 34.21 -20.14 12.30
CA ASN A 291 34.10 -19.89 10.86
C ASN A 291 32.73 -19.32 10.48
N ILE A 292 32.19 -18.47 11.35
CA ILE A 292 30.89 -17.86 11.13
C ILE A 292 30.99 -16.39 10.76
N PRO A 293 30.66 -16.05 9.51
CA PRO A 293 30.73 -14.64 9.10
C PRO A 293 29.69 -13.82 9.88
N VAL A 294 30.12 -12.68 10.41
CA VAL A 294 29.22 -11.79 11.14
C VAL A 294 29.06 -10.48 10.38
N TYR A 295 27.83 -9.99 10.29
CA TYR A 295 27.56 -8.70 9.66
C TYR A 295 27.51 -7.61 10.73
N ARG A 296 28.36 -6.60 10.57
CA ARG A 296 28.43 -5.48 11.52
C ARG A 296 28.19 -4.19 10.76
N PHE A 297 27.25 -3.38 11.25
CA PHE A 297 26.99 -2.10 10.63
C PHE A 297 26.32 -1.15 11.61
N VAL A 298 26.36 0.13 11.26
CA VAL A 298 25.71 1.17 12.03
C VAL A 298 24.44 1.61 11.30
N GLN A 299 23.36 1.81 12.06
CA GLN A 299 22.13 2.30 11.49
C GLN A 299 21.85 3.71 11.99
N ARG A 300 21.84 4.68 11.07
CA ARG A 300 21.65 6.09 11.45
C ARG A 300 20.20 6.54 11.37
N PRO A 301 19.90 7.72 11.91
CA PRO A 301 18.55 8.27 11.85
C PRO A 301 18.03 8.21 10.43
N GLY A 302 16.81 7.69 10.28
CA GLY A 302 16.16 7.65 8.99
C GLY A 302 16.57 6.46 8.15
N ASP A 303 17.64 5.77 8.56
CA ASP A 303 18.01 4.52 7.91
C ASP A 303 17.00 3.42 8.27
N LEU A 304 16.63 2.64 7.27
CA LEU A 304 15.72 1.52 7.52
C LEU A 304 16.46 0.20 7.41
N VAL A 305 16.29 -0.67 8.40
CA VAL A 305 16.89 -1.99 8.36
C VAL A 305 15.86 -3.06 8.03
N TRP A 306 16.19 -3.87 7.01
CA TRP A 306 15.38 -5.01 6.63
C TRP A 306 16.09 -6.27 7.08
N ILE A 307 15.46 -7.02 7.97
CA ILE A 307 16.02 -8.27 8.47
C ILE A 307 15.34 -9.42 7.73
N ASN A 308 16.12 -10.12 6.92
CA ASN A 308 15.56 -11.18 6.08
C ASN A 308 15.20 -12.42 6.90
N ALA A 309 14.39 -13.30 6.33
CA ALA A 309 13.83 -14.46 7.06
C ALA A 309 14.85 -15.23 7.91
N GLY A 310 14.58 -15.29 9.22
CA GLY A 310 15.35 -16.11 10.12
C GLY A 310 16.80 -15.72 10.35
N THR A 311 17.14 -14.46 10.07
CA THR A 311 18.48 -13.96 10.34
C THR A 311 18.66 -13.75 11.85
N VAL A 312 19.75 -14.29 12.40
CA VAL A 312 20.05 -14.09 13.81
C VAL A 312 20.72 -12.72 13.98
N HIS A 313 20.16 -11.89 14.86
CA HIS A 313 20.68 -10.55 15.05
C HIS A 313 20.63 -10.13 16.51
N TRP A 314 21.38 -9.08 16.83
CA TRP A 314 21.32 -8.43 18.12
C TRP A 314 21.80 -7.00 17.98
N VAL A 315 21.28 -6.11 18.83
CA VAL A 315 21.43 -4.69 18.56
C VAL A 315 21.79 -3.88 19.79
N GLN A 316 22.57 -2.82 19.58
CA GLN A 316 22.91 -1.87 20.63
C GLN A 316 22.84 -0.43 20.14
N ALA A 317 22.18 0.42 20.93
CA ALA A 317 22.24 1.87 20.77
C ALA A 317 23.61 2.37 21.18
N THR A 318 24.21 3.23 20.36
CA THR A 318 25.44 3.93 20.74
C THR A 318 25.11 5.34 21.18
N GLY A 319 23.99 5.87 20.69
CA GLY A 319 23.56 7.21 21.06
C GLY A 319 22.22 7.22 21.76
N TRP A 320 21.60 8.40 21.82
CA TRP A 320 20.24 8.53 22.31
C TRP A 320 19.30 8.54 21.11
N CYS A 321 18.38 7.59 21.07
CA CYS A 321 17.52 7.45 19.90
C CYS A 321 16.29 6.63 20.20
N ASN A 322 15.29 6.75 19.34
CA ASN A 322 14.14 5.85 19.32
C ASN A 322 14.15 5.04 18.05
N ASN A 323 13.60 3.84 18.11
CA ASN A 323 13.40 3.01 16.93
C ASN A 323 11.96 2.59 16.85
N ILE A 324 11.51 2.27 15.64
CA ILE A 324 10.23 1.60 15.45
C ILE A 324 10.46 0.36 14.62
N ALA A 325 9.67 -0.67 14.89
CA ALA A 325 9.84 -1.95 14.23
C ALA A 325 8.52 -2.73 14.19
N TRP A 326 8.45 -3.67 13.27
CA TRP A 326 7.35 -4.62 13.20
C TRP A 326 7.82 -5.73 12.28
N ASN A 327 7.01 -6.78 12.19
CA ASN A 327 7.34 -7.89 11.30
C ASN A 327 6.48 -7.90 10.05
N VAL A 328 7.05 -8.42 8.97
CA VAL A 328 6.31 -8.56 7.72
C VAL A 328 6.55 -9.95 7.16
N GLY A 329 5.51 -10.61 6.69
CA GLY A 329 5.69 -11.91 6.07
C GLY A 329 5.60 -11.76 4.57
N PRO A 330 6.74 -11.85 3.91
CA PRO A 330 6.80 -11.76 2.45
C PRO A 330 6.25 -13.03 1.82
N LEU A 331 5.52 -12.91 0.73
CA LEU A 331 5.00 -14.08 0.05
C LEU A 331 6.06 -14.62 -0.89
N THR A 332 7.11 -15.21 -0.31
CA THR A 332 8.18 -15.78 -1.13
C THR A 332 8.42 -17.22 -0.68
N ALA A 333 8.88 -18.05 -1.60
CA ALA A 333 9.22 -19.42 -1.27
C ALA A 333 10.07 -19.49 0.00
N TYR A 334 11.13 -18.71 0.04
CA TYR A 334 12.10 -18.74 1.14
C TYR A 334 11.49 -18.40 2.49
N GLN A 335 10.75 -17.31 2.56
CA GLN A 335 10.07 -16.91 3.80
C GLN A 335 9.08 -17.98 4.24
N TYR A 336 8.31 -18.53 3.29
CA TYR A 336 7.30 -19.51 3.62
C TYR A 336 7.96 -20.78 4.18
N GLN A 337 8.96 -21.30 3.47
CA GLN A 337 9.70 -22.46 3.94
C GLN A 337 10.24 -22.25 5.35
N LEU A 338 10.96 -21.15 5.57
CA LEU A 338 11.57 -20.90 6.87
C LEU A 338 10.52 -20.69 7.96
N ALA A 339 9.37 -20.15 7.60
CA ALA A 339 8.28 -19.99 8.56
C ALA A 339 7.74 -21.34 9.00
N LEU A 340 7.56 -22.24 8.03
CA LEU A 340 7.03 -23.56 8.32
C LEU A 340 8.03 -24.39 9.10
N GLU A 341 9.32 -24.24 8.78
CA GLU A 341 10.37 -24.97 9.48
C GLU A 341 10.40 -24.64 10.98
N ARG A 342 10.39 -23.34 11.30
CA ARG A 342 10.38 -22.90 12.68
C ARG A 342 9.08 -23.25 13.40
N TYR A 343 8.00 -23.41 12.62
CA TYR A 343 6.69 -23.83 13.14
C TYR A 343 6.75 -25.26 13.67
N GLU A 344 7.39 -26.13 12.89
CA GLU A 344 7.57 -27.52 13.29
C GLU A 344 8.60 -27.62 14.43
N TRP A 345 9.66 -26.85 14.34
CA TRP A 345 10.70 -26.86 15.36
C TRP A 345 10.17 -26.39 16.72
N ASN A 346 9.35 -25.35 16.72
CA ASN A 346 8.74 -24.90 17.97
C ASN A 346 7.98 -26.03 18.67
N GLU A 347 7.24 -26.80 17.89
CA GLU A 347 6.46 -27.88 18.45
C GLU A 347 7.41 -28.88 19.12
N VAL A 348 8.43 -29.31 18.39
CA VAL A 348 9.45 -30.19 18.96
C VAL A 348 9.96 -29.68 20.30
N LYS A 349 10.20 -28.37 20.40
CA LYS A 349 10.77 -27.76 21.59
C LYS A 349 9.71 -27.32 22.61
N ASN A 350 8.46 -27.71 22.37
CA ASN A 350 7.35 -27.32 23.25
C ASN A 350 7.22 -25.80 23.38
N VAL A 351 7.45 -25.10 22.28
CA VAL A 351 7.34 -23.64 22.25
C VAL A 351 6.20 -23.21 21.34
N LYS A 352 5.30 -22.38 21.85
CA LYS A 352 4.14 -21.93 21.07
C LYS A 352 4.56 -21.09 19.86
N SER A 353 4.08 -21.48 18.68
CA SER A 353 4.19 -20.66 17.48
C SER A 353 3.14 -19.57 17.59
N ILE A 354 3.57 -18.32 17.59
CA ILE A 354 2.60 -17.23 17.70
C ILE A 354 1.91 -16.97 16.36
N VAL A 355 2.48 -17.50 15.28
CA VAL A 355 1.84 -17.43 13.96
C VAL A 355 1.30 -18.80 13.55
N PRO A 356 -0.03 -18.95 13.53
CA PRO A 356 -0.70 -20.22 13.24
C PRO A 356 -0.62 -20.56 11.76
N MET A 357 0.49 -21.16 11.35
CA MET A 357 0.79 -21.37 9.92
C MET A 357 -0.24 -22.15 9.11
N ILE A 358 -0.87 -23.17 9.70
CA ILE A 358 -1.87 -23.95 8.97
C ILE A 358 -3.08 -23.09 8.62
N HIS A 359 -3.66 -22.45 9.63
CA HIS A 359 -4.72 -21.47 9.41
C HIS A 359 -4.30 -20.37 8.43
N VAL A 360 -3.06 -19.90 8.53
CA VAL A 360 -2.57 -18.86 7.61
C VAL A 360 -2.45 -19.38 6.18
N SER A 361 -1.92 -20.59 6.02
CA SER A 361 -1.75 -21.15 4.69
C SER A 361 -3.08 -21.30 3.94
N TRP A 362 -4.14 -21.70 4.64
CA TRP A 362 -5.45 -21.82 4.00
C TRP A 362 -6.02 -20.45 3.67
N ASN A 363 -5.83 -19.48 4.55
CA ASN A 363 -6.29 -18.11 4.28
C ASN A 363 -5.67 -17.56 3.01
N VAL A 364 -4.36 -17.74 2.88
CA VAL A 364 -3.63 -17.26 1.70
C VAL A 364 -4.08 -17.92 0.40
N ALA A 365 -4.18 -19.25 0.40
CA ALA A 365 -4.60 -19.98 -0.80
C ALA A 365 -5.97 -19.52 -1.24
N ARG A 366 -6.74 -19.03 -0.28
CA ARG A 366 -8.14 -18.69 -0.52
C ARG A 366 -8.41 -17.22 -0.84
N THR A 367 -7.45 -16.34 -0.56
CA THR A 367 -7.71 -14.92 -0.77
C THR A 367 -6.63 -14.26 -1.62
N VAL A 368 -5.64 -15.04 -2.04
CA VAL A 368 -4.47 -14.45 -2.70
C VAL A 368 -3.98 -15.28 -3.88
N LYS A 369 -3.77 -14.62 -5.02
CA LYS A 369 -3.19 -15.26 -6.19
C LYS A 369 -1.69 -15.46 -6.05
N ILE A 370 -1.20 -16.66 -6.39
CA ILE A 370 0.22 -16.97 -6.29
C ILE A 370 0.81 -17.26 -7.67
N SER A 371 1.74 -16.41 -8.12
CA SER A 371 2.34 -16.55 -9.44
C SER A 371 3.66 -17.32 -9.40
N ASP A 372 4.35 -17.27 -8.27
CA ASP A 372 5.65 -17.93 -8.13
C ASP A 372 5.50 -19.44 -7.92
N PRO A 373 6.04 -20.24 -8.86
CA PRO A 373 5.85 -21.69 -8.83
C PRO A 373 6.48 -22.41 -7.64
N ASP A 374 7.61 -21.92 -7.15
CA ASP A 374 8.26 -22.53 -5.99
C ASP A 374 7.43 -22.34 -4.71
N LEU A 375 6.92 -21.13 -4.52
CA LEU A 375 6.03 -20.84 -3.41
C LEU A 375 4.74 -21.64 -3.55
N PHE A 376 4.12 -21.59 -4.72
CA PHE A 376 2.86 -22.30 -4.97
C PHE A 376 2.94 -23.77 -4.59
N LYS A 377 4.00 -24.45 -5.04
CA LYS A 377 4.19 -25.85 -4.72
C LYS A 377 4.23 -26.07 -3.21
N MET A 378 4.85 -25.16 -2.48
CA MET A 378 5.02 -25.31 -1.03
C MET A 378 3.70 -25.18 -0.30
N ILE A 379 2.90 -24.19 -0.66
CA ILE A 379 1.61 -24.00 -0.02
C ILE A 379 0.71 -25.19 -0.36
N LYS A 380 0.80 -25.65 -1.60
CA LYS A 380 0.01 -26.79 -2.07
C LYS A 380 0.32 -28.04 -1.24
N PHE A 381 1.61 -28.34 -1.09
CA PHE A 381 2.04 -29.51 -0.32
C PHE A 381 1.56 -29.41 1.13
N CYS A 382 1.63 -28.20 1.69
CA CYS A 382 1.15 -27.99 3.06
C CYS A 382 -0.35 -28.27 3.18
N LEU A 383 -1.13 -27.76 2.25
CA LEU A 383 -2.58 -27.95 2.28
C LEU A 383 -2.91 -29.44 2.20
N LEU A 384 -2.24 -30.14 1.29
CA LEU A 384 -2.43 -31.57 1.13
C LEU A 384 -2.21 -32.30 2.44
N GLN A 385 -1.08 -32.01 3.10
CA GLN A 385 -0.77 -32.64 4.39
C GLN A 385 -1.86 -32.37 5.42
N SER A 386 -2.35 -31.14 5.42
CA SER A 386 -3.42 -30.75 6.33
C SER A 386 -4.72 -31.53 6.06
N MET A 387 -5.00 -31.81 4.79
CA MET A 387 -6.20 -32.59 4.48
C MET A 387 -6.04 -34.05 4.94
N LYS A 388 -4.89 -34.66 4.64
CA LYS A 388 -4.62 -36.04 5.02
C LYS A 388 -4.74 -36.23 6.54
N HIS A 389 -4.15 -35.32 7.28
CA HIS A 389 -4.19 -35.39 8.73
CA HIS A 389 -4.19 -35.36 8.74
C HIS A 389 -5.61 -35.23 9.26
N CYS A 390 -6.39 -34.35 8.65
CA CYS A 390 -7.79 -34.18 9.05
C CYS A 390 -8.59 -35.43 8.70
N GLN A 391 -8.21 -36.08 7.60
CA GLN A 391 -8.92 -37.26 7.13
C GLN A 391 -8.61 -38.49 7.98
N VAL A 392 -7.36 -38.59 8.41
CA VAL A 392 -6.93 -39.69 9.28
C VAL A 392 -7.60 -39.56 10.64
N GLN A 393 -7.72 -38.32 11.10
CA GLN A 393 -8.34 -38.02 12.38
C GLN A 393 -9.84 -38.30 12.37
N ARG A 394 -10.51 -37.95 11.27
CA ARG A 394 -11.94 -38.19 11.20
C ARG A 394 -12.31 -39.67 11.20
N GLU A 395 -11.51 -40.54 10.59
CA GLU A 395 -11.87 -41.95 10.65
C GLU A 395 -11.60 -42.55 12.01
N SER A 396 -10.55 -42.11 12.67
CA SER A 396 -10.23 -42.77 13.90
C SER A 396 -11.30 -42.40 14.91
N LEU A 397 -11.83 -41.19 14.79
CA LEU A 397 -12.93 -40.79 15.67
C LEU A 397 -14.19 -41.56 15.30
N VAL A 398 -14.33 -41.84 14.02
CA VAL A 398 -15.52 -42.54 13.53
C VAL A 398 -15.56 -44.01 13.96
N ARG A 399 -14.45 -44.73 13.88
CA ARG A 399 -14.50 -46.08 14.37
C ARG A 399 -14.02 -46.15 15.80
N ALA A 400 -14.59 -45.27 16.61
CA ALA A 400 -14.47 -45.30 18.05
C ALA A 400 -15.84 -44.89 18.50
N GLY A 401 -16.73 -44.73 17.52
CA GLY A 401 -18.10 -44.31 17.75
C GLY A 401 -18.17 -42.92 18.32
N LYS A 402 -17.11 -42.13 18.11
CA LYS A 402 -17.14 -40.75 18.56
C LYS A 402 -17.88 -39.88 17.56
N LYS A 403 -18.72 -39.00 18.08
CA LYS A 403 -19.59 -38.17 17.28
C LYS A 403 -18.94 -36.81 17.00
N ILE A 404 -18.98 -36.40 15.72
CA ILE A 404 -18.41 -35.14 15.28
C ILE A 404 -19.50 -34.20 14.77
N ALA A 405 -19.72 -33.10 15.49
CA ALA A 405 -20.73 -32.13 15.09
C ALA A 405 -20.11 -31.10 14.15
N TYR A 406 -20.88 -30.64 13.17
CA TYR A 406 -20.38 -29.59 12.30
C TYR A 406 -20.63 -28.22 12.91
N GLN A 407 -19.54 -27.53 13.21
CA GLN A 407 -19.60 -26.13 13.57
C GLN A 407 -19.10 -25.41 12.34
N GLY A 408 -19.60 -24.20 12.12
CA GLY A 408 -19.20 -23.39 10.99
C GLY A 408 -18.44 -22.18 11.49
N ARG A 409 -17.28 -21.92 10.90
CA ARG A 409 -16.44 -20.82 11.37
C ARG A 409 -17.14 -19.49 11.24
N VAL A 410 -17.02 -18.68 12.27
CA VAL A 410 -17.57 -17.32 12.28
C VAL A 410 -16.69 -16.42 11.43
N LYS A 411 -17.29 -15.37 10.86
CA LYS A 411 -16.54 -14.44 10.04
C LYS A 411 -15.53 -13.75 10.94
N ASP A 412 -14.32 -13.53 10.41
CA ASP A 412 -13.26 -12.92 11.21
C ASP A 412 -13.00 -13.73 12.47
N GLU A 413 -12.96 -15.05 12.33
CA GLU A 413 -12.74 -15.94 13.46
C GLU A 413 -11.28 -16.36 13.56
N PRO A 414 -10.70 -16.15 14.73
CA PRO A 414 -9.29 -16.46 14.98
C PRO A 414 -8.99 -17.95 15.08
N ALA A 415 -7.76 -18.33 14.72
CA ALA A 415 -7.33 -19.72 14.82
C ALA A 415 -7.45 -20.19 16.27
N TYR A 416 -7.18 -21.47 16.50
CA TYR A 416 -7.30 -22.02 17.85
C TYR A 416 -6.02 -22.70 18.32
N TYR A 417 -5.75 -22.63 19.62
CA TYR A 417 -4.58 -23.28 20.21
C TYR A 417 -5.02 -24.18 21.37
N CYS A 418 -4.32 -25.29 21.59
CA CYS A 418 -4.63 -26.18 22.71
C CYS A 418 -4.34 -25.53 24.05
N ASN A 419 -5.35 -25.50 24.91
CA ASN A 419 -5.21 -24.93 26.25
C ASN A 419 -4.07 -25.54 27.07
N GLU A 420 -3.65 -26.76 26.71
CA GLU A 420 -2.61 -27.45 27.47
C GLU A 420 -1.21 -27.38 26.85
N CYS A 421 -1.08 -27.77 25.59
CA CYS A 421 0.24 -27.87 24.98
C CYS A 421 0.59 -26.70 24.05
N ASP A 422 -0.36 -25.80 23.81
CA ASP A 422 -0.11 -24.61 23.00
C ASP A 422 0.00 -24.87 21.49
N VAL A 423 -0.24 -26.12 21.07
CA VAL A 423 -0.17 -26.45 19.65
C VAL A 423 -1.38 -25.87 18.91
N GLU A 424 -1.17 -25.45 17.67
CA GLU A 424 -2.31 -25.01 16.85
C GLU A 424 -3.29 -26.16 16.59
N VAL A 425 -4.57 -25.92 16.89
CA VAL A 425 -5.61 -26.89 16.60
C VAL A 425 -6.44 -26.44 15.39
N PHE A 426 -6.33 -27.16 14.29
CA PHE A 426 -7.00 -26.77 13.05
C PHE A 426 -8.10 -27.73 12.56
N ASN A 427 -9.23 -27.15 12.17
CA ASN A 427 -10.36 -27.89 11.63
C ASN A 427 -11.16 -28.68 12.64
N ILE A 428 -10.52 -29.58 13.37
CA ILE A 428 -11.21 -30.39 14.37
C ILE A 428 -10.88 -29.86 15.75
N LEU A 429 -11.92 -29.50 16.50
CA LEU A 429 -11.71 -28.94 17.83
C LEU A 429 -12.27 -29.86 18.91
N PHE A 430 -11.49 -30.06 19.97
CA PHE A 430 -11.96 -30.80 21.13
C PHE A 430 -12.24 -29.83 22.27
N VAL A 431 -13.45 -29.87 22.79
CA VAL A 431 -13.98 -28.79 23.61
C VAL A 431 -14.53 -29.28 24.95
N THR A 432 -14.26 -28.52 26.00
CA THR A 432 -14.76 -28.85 27.34
C THR A 432 -15.38 -27.65 28.04
N SER A 433 -16.03 -27.90 29.18
CA SER A 433 -16.82 -26.89 29.87
C SER A 433 -16.48 -26.78 31.36
N GLU A 434 -15.92 -25.65 31.76
CA GLU A 434 -15.53 -25.43 33.15
C GLU A 434 -16.68 -24.90 34.00
N THR A 440 -16.25 -19.98 29.47
CA THR A 440 -16.64 -21.32 29.88
C THR A 440 -15.91 -22.40 29.09
N TYR A 441 -15.92 -22.27 27.77
CA TYR A 441 -15.46 -23.36 26.90
C TYR A 441 -13.96 -23.37 26.63
N LEU A 442 -13.39 -24.57 26.51
CA LEU A 442 -11.96 -24.73 26.24
C LEU A 442 -11.67 -25.66 25.06
N VAL A 443 -10.65 -25.31 24.28
CA VAL A 443 -10.25 -26.07 23.11
C VAL A 443 -8.92 -26.81 23.34
N HIS A 444 -8.86 -28.07 22.93
CA HIS A 444 -7.65 -28.87 23.09
C HIS A 444 -7.31 -29.59 21.79
N CYS A 445 -6.07 -30.08 21.68
CA CYS A 445 -5.76 -31.06 20.64
C CYS A 445 -6.28 -32.44 21.11
N GLU A 446 -6.14 -33.47 20.28
CA GLU A 446 -6.69 -34.77 20.64
C GLU A 446 -5.94 -35.41 21.81
N GLY A 447 -4.62 -35.39 21.75
CA GLY A 447 -3.80 -35.96 22.81
C GLY A 447 -4.18 -35.42 24.17
N CYS A 448 -4.29 -34.10 24.28
CA CYS A 448 -4.58 -33.44 25.54
C CYS A 448 -6.01 -33.66 26.02
N ALA A 449 -6.94 -33.85 25.09
CA ALA A 449 -8.33 -34.16 25.45
C ALA A 449 -8.40 -35.58 25.99
N ARG A 450 -7.73 -36.50 25.31
CA ARG A 450 -7.70 -37.90 25.73
C ARG A 450 -6.98 -38.03 27.08
N ARG A 451 -5.78 -37.47 27.15
CA ARG A 451 -5.02 -37.48 28.39
C ARG A 451 -5.92 -37.11 29.54
N ARG A 452 -6.80 -36.13 29.31
CA ARG A 452 -7.71 -35.66 30.34
C ARG A 452 -8.84 -36.65 30.57
N SER A 453 -9.41 -37.14 29.47
CA SER A 453 -10.49 -38.12 29.55
C SER A 453 -10.06 -39.35 28.75
N ALA A 454 -10.22 -40.53 29.33
CA ALA A 454 -9.81 -41.75 28.64
C ALA A 454 -10.61 -41.99 27.35
N GLY A 455 -11.92 -41.78 27.43
CA GLY A 455 -12.79 -41.99 26.29
C GLY A 455 -13.21 -40.75 25.53
N LEU A 456 -12.72 -39.59 25.96
CA LEU A 456 -13.10 -38.33 25.33
C LEU A 456 -14.47 -37.95 25.87
N GLN A 457 -14.92 -38.69 26.86
CA GLN A 457 -16.21 -38.50 27.50
C GLN A 457 -16.28 -37.11 28.12
N GLY A 458 -17.36 -36.39 27.84
CA GLY A 458 -17.49 -35.02 28.30
C GLY A 458 -16.73 -34.09 27.38
N VAL A 459 -16.23 -34.66 26.28
CA VAL A 459 -15.55 -33.88 25.25
C VAL A 459 -16.42 -33.80 24.01
N VAL A 460 -16.67 -32.58 23.55
CA VAL A 460 -17.41 -32.36 22.33
C VAL A 460 -16.43 -32.12 21.19
N VAL A 461 -16.51 -32.94 20.15
CA VAL A 461 -15.65 -32.77 18.98
C VAL A 461 -16.37 -31.95 17.91
N LEU A 462 -15.70 -30.92 17.41
CA LEU A 462 -16.29 -30.07 16.38
C LEU A 462 -15.52 -30.14 15.07
N GLU A 463 -16.25 -29.98 13.97
CA GLU A 463 -15.66 -29.91 12.64
C GLU A 463 -15.93 -28.51 12.09
N GLN A 464 -14.85 -27.78 11.83
CA GLN A 464 -14.92 -26.44 11.24
C GLN A 464 -15.39 -26.46 9.79
N TYR A 465 -14.85 -27.40 9.02
CA TYR A 465 -15.22 -27.56 7.61
C TYR A 465 -15.26 -29.04 7.22
N ARG A 466 -16.19 -29.37 6.34
CA ARG A 466 -16.31 -30.74 5.82
C ARG A 466 -15.19 -31.07 4.83
N THR A 467 -14.82 -32.34 4.78
CA THR A 467 -13.84 -32.82 3.82
C THR A 467 -14.00 -32.09 2.49
N GLU A 468 -15.26 -31.85 2.12
CA GLU A 468 -15.59 -31.26 0.81
C GLU A 468 -15.16 -29.79 0.66
N GLU A 469 -15.35 -28.99 1.69
CA GLU A 469 -14.88 -27.61 1.69
C GLU A 469 -13.39 -27.55 1.41
N LEU A 470 -12.62 -28.30 2.20
CA LEU A 470 -11.17 -28.30 2.04
C LEU A 470 -10.76 -28.89 0.68
N ALA A 471 -11.50 -29.88 0.22
CA ALA A 471 -11.19 -30.53 -1.05
C ALA A 471 -11.41 -29.57 -2.21
N GLN A 472 -12.48 -28.78 -2.14
CA GLN A 472 -12.81 -27.82 -3.21
C GLN A 472 -11.91 -26.57 -3.20
N ALA A 473 -11.64 -26.03 -2.02
CA ALA A 473 -10.68 -24.94 -1.87
C ALA A 473 -9.31 -25.33 -2.44
N TYR A 474 -8.87 -26.55 -2.14
CA TYR A 474 -7.58 -27.06 -2.60
C TYR A 474 -7.50 -27.16 -4.12
N ASP A 475 -8.52 -27.76 -4.72
CA ASP A 475 -8.55 -27.95 -6.18
C ASP A 475 -8.71 -26.65 -6.95
N ALA A 476 -9.28 -25.63 -6.30
CA ALA A 476 -9.50 -24.34 -6.95
C ALA A 476 -8.25 -23.47 -6.83
N PHE A 477 -7.33 -23.89 -5.95
CA PHE A 477 -6.08 -23.18 -5.73
C PHE A 477 -5.08 -23.52 -6.82
N THR A 478 -4.91 -22.61 -7.78
CA THR A 478 -4.06 -22.85 -8.94
C THR A 478 -3.00 -21.76 -9.09
N LEU A 479 -1.94 -22.09 -9.82
CA LEU A 479 -0.87 -21.14 -10.10
C LEU A 479 -1.35 -20.00 -10.99
N ALA A 480 -1.07 -18.77 -10.58
CA ALA A 480 -1.46 -17.60 -11.36
C ALA A 480 -0.34 -17.17 -12.29
N PRO A 481 -0.69 -16.72 -13.50
CA PRO A 481 0.26 -16.29 -14.53
C PRO A 481 1.07 -15.06 -14.13
N GLU B 1 1.66 26.76 4.04
CA GLU B 1 1.83 27.34 2.71
C GLU B 1 1.00 26.59 1.66
N SER B 2 -0.29 26.41 1.93
CA SER B 2 -1.18 25.79 0.96
C SER B 2 -1.42 26.76 -0.19
N TYR B 3 -1.70 26.22 -1.38
CA TYR B 3 -2.14 27.04 -2.50
C TYR B 3 -3.63 27.33 -2.36
N LEU B 4 -4.24 26.73 -1.35
CA LEU B 4 -5.65 26.90 -1.07
C LEU B 4 -5.86 27.72 0.20
N SER B 5 -6.99 28.43 0.24
CA SER B 5 -7.38 29.17 1.43
C SER B 5 -8.68 28.57 1.96
N PRO B 6 -8.66 28.08 3.21
CA PRO B 6 -9.81 27.36 3.78
C PRO B 6 -11.08 28.21 3.76
N ALA B 7 -10.95 29.49 4.07
CA ALA B 7 -12.09 30.39 4.10
C ALA B 7 -12.81 30.49 2.76
N GLN B 8 -12.14 30.05 1.70
CA GLN B 8 -12.68 30.19 0.35
C GLN B 8 -13.47 28.96 -0.11
N SER B 9 -13.49 27.92 0.71
CA SER B 9 -14.06 26.64 0.32
C SER B 9 -15.53 26.69 -0.11
N VAL B 10 -15.82 26.06 -1.24
CA VAL B 10 -17.20 25.96 -1.74
C VAL B 10 -17.75 24.54 -1.61
N LYS B 11 -17.07 23.71 -0.81
CA LYS B 11 -17.48 22.33 -0.63
C LYS B 11 -18.77 22.26 0.18
N PRO B 12 -19.74 21.49 -0.32
CA PRO B 12 -21.04 21.39 0.33
C PRO B 12 -20.93 20.80 1.71
N LYS B 13 -21.99 21.00 2.49
CA LYS B 13 -22.03 20.55 3.87
C LYS B 13 -22.81 19.24 4.03
N ILE B 14 -22.21 18.29 4.73
CA ILE B 14 -22.85 17.01 4.98
C ILE B 14 -22.53 16.49 6.37
N ASN B 15 -23.57 16.30 7.18
CA ASN B 15 -23.40 15.82 8.54
C ASN B 15 -22.74 14.45 8.58
N GLU B 18 -24.42 12.68 11.26
CA GLU B 18 -25.82 12.53 11.63
C GLU B 18 -26.46 11.39 10.84
N LYS B 19 -26.87 10.35 11.56
CA LYS B 19 -27.28 9.08 10.95
C LYS B 19 -28.43 9.16 9.94
N LEU B 20 -28.35 8.32 8.91
CA LEU B 20 -29.33 8.28 7.82
C LEU B 20 -30.16 7.00 7.82
N PRO B 21 -31.40 7.08 7.30
CA PRO B 21 -32.27 5.92 7.06
C PRO B 21 -31.96 5.26 5.72
N ARG B 22 -32.34 3.99 5.56
CA ARG B 22 -31.96 3.22 4.37
C ARG B 22 -32.31 3.87 3.04
N GLU B 23 -33.35 4.69 3.01
CA GLU B 23 -33.70 5.42 1.79
C GLU B 23 -32.52 6.26 1.34
N LYS B 24 -32.00 7.07 2.27
CA LYS B 24 -30.92 8.00 2.00
C LYS B 24 -29.63 7.29 1.61
N LEU B 25 -29.52 6.02 2.02
CA LEU B 25 -28.35 5.23 1.68
C LEU B 25 -28.43 4.81 0.21
N ASN B 26 -29.64 4.75 -0.30
CA ASN B 26 -29.87 4.53 -1.73
C ASN B 26 -30.57 5.72 -2.37
N PRO B 27 -29.83 6.81 -2.58
CA PRO B 27 -30.36 7.97 -3.29
C PRO B 27 -30.65 7.67 -4.76
N PRO B 28 -31.70 8.29 -5.30
CA PRO B 28 -31.99 8.15 -6.74
C PRO B 28 -30.94 8.89 -7.55
N THR B 29 -30.62 8.39 -8.73
CA THR B 29 -29.57 8.98 -9.55
C THR B 29 -30.10 10.11 -10.43
N PRO B 30 -29.56 11.31 -10.23
CA PRO B 30 -29.95 12.47 -11.04
C PRO B 30 -29.99 12.05 -12.50
N SER B 31 -31.16 12.16 -13.12
CA SER B 31 -31.33 11.71 -14.48
C SER B 31 -31.88 12.84 -15.32
N ILE B 32 -31.32 13.02 -16.51
CA ILE B 32 -31.80 14.04 -17.43
C ILE B 32 -32.24 13.47 -18.76
N TYR B 33 -33.42 13.90 -19.21
CA TYR B 33 -33.87 13.59 -20.55
C TYR B 33 -34.00 14.89 -21.34
N LEU B 34 -33.27 14.99 -22.46
CA LEU B 34 -33.32 16.18 -23.29
C LEU B 34 -34.41 16.08 -24.35
N GLU B 35 -35.44 16.92 -24.25
CA GLU B 35 -36.48 16.89 -25.27
C GLU B 35 -36.01 17.58 -26.55
N SER B 36 -35.40 18.76 -26.40
CA SER B 36 -34.89 19.52 -27.53
C SER B 36 -33.37 19.44 -27.56
N LYS B 37 -32.80 19.27 -28.74
CA LYS B 37 -31.34 19.22 -28.88
C LYS B 37 -30.71 20.47 -28.25
N ARG B 38 -31.39 21.60 -28.41
CA ARG B 38 -30.91 22.86 -27.85
C ARG B 38 -30.81 22.84 -26.32
N ASP B 39 -31.57 21.95 -25.68
CA ASP B 39 -31.53 21.80 -24.24
C ASP B 39 -30.12 21.47 -23.77
N ALA B 40 -29.41 20.71 -24.59
CA ALA B 40 -28.08 20.23 -24.24
C ALA B 40 -27.09 21.37 -24.09
N PHE B 41 -27.39 22.49 -24.72
CA PHE B 41 -26.51 23.66 -24.69
C PHE B 41 -27.06 24.71 -23.74
N SER B 42 -28.06 24.31 -22.96
CA SER B 42 -28.65 25.18 -21.96
C SER B 42 -27.70 25.37 -20.77
N PRO B 43 -27.56 26.62 -20.30
CA PRO B 43 -26.69 26.89 -19.17
C PRO B 43 -27.26 26.23 -17.92
N VAL B 44 -28.52 25.82 -18.01
CA VAL B 44 -29.16 25.11 -16.91
C VAL B 44 -28.60 23.69 -16.76
N LEU B 45 -28.34 23.04 -17.90
CA LEU B 45 -27.73 21.71 -17.88
C LEU B 45 -26.33 21.76 -17.27
N LEU B 46 -25.52 22.70 -17.74
CA LEU B 46 -24.16 22.88 -17.24
C LEU B 46 -24.15 23.05 -15.73
N GLN B 47 -25.07 23.87 -15.23
CA GLN B 47 -25.16 24.16 -13.80
C GLN B 47 -25.71 22.97 -13.00
N PHE B 48 -26.38 22.05 -13.69
CA PHE B 48 -26.90 20.85 -13.02
C PHE B 48 -25.83 19.78 -12.90
N CYS B 49 -25.07 19.57 -13.97
CA CYS B 49 -24.03 18.54 -13.95
C CYS B 49 -22.88 18.91 -13.01
N THR B 50 -22.54 20.20 -12.96
CA THR B 50 -21.39 20.65 -12.17
C THR B 50 -21.72 20.93 -10.70
N ASP B 51 -22.99 20.83 -10.33
CA ASP B 51 -23.39 21.11 -8.96
C ASP B 51 -22.73 20.15 -7.96
N PRO B 52 -22.15 20.71 -6.89
CA PRO B 52 -21.50 19.89 -5.86
C PRO B 52 -22.44 18.85 -5.26
N ARG B 53 -23.71 19.21 -5.11
CA ARG B 53 -24.69 18.31 -4.51
C ARG B 53 -25.05 17.16 -5.43
N ASN B 54 -24.60 17.24 -6.68
CA ASN B 54 -24.81 16.16 -7.65
C ASN B 54 -23.51 15.44 -8.00
N PRO B 55 -23.25 14.32 -7.32
CA PRO B 55 -21.98 13.61 -7.46
C PRO B 55 -21.88 12.94 -8.83
N ILE B 56 -23.03 12.62 -9.41
CA ILE B 56 -23.08 11.87 -10.66
C ILE B 56 -24.38 12.15 -11.41
N THR B 57 -24.33 12.16 -12.74
CA THR B 57 -25.50 12.47 -13.56
C THR B 57 -25.59 11.61 -14.82
N VAL B 58 -26.75 11.04 -15.08
CA VAL B 58 -27.00 10.36 -16.34
C VAL B 58 -27.81 11.22 -17.30
N ILE B 59 -27.31 11.39 -18.52
CA ILE B 59 -28.10 11.99 -19.58
C ILE B 59 -28.67 10.89 -20.46
N ARG B 60 -29.97 10.63 -20.30
CA ARG B 60 -30.61 9.52 -20.99
C ARG B 60 -30.82 9.81 -22.46
N GLY B 61 -30.40 8.87 -23.31
CA GLY B 61 -30.60 8.98 -24.75
C GLY B 61 -29.93 10.20 -25.34
N LEU B 62 -28.72 10.50 -24.85
CA LEU B 62 -27.97 11.65 -25.33
C LEU B 62 -27.51 11.46 -26.77
N ALA B 63 -27.06 10.27 -27.12
CA ALA B 63 -26.60 10.00 -28.47
C ALA B 63 -27.76 10.12 -29.46
N GLY B 64 -28.96 9.79 -28.99
CA GLY B 64 -30.15 9.92 -29.80
C GLY B 64 -30.50 11.39 -30.01
N SER B 65 -30.51 12.16 -28.93
CA SER B 65 -30.85 13.58 -29.02
C SER B 65 -29.97 14.32 -30.01
N LEU B 66 -28.66 14.10 -29.94
CA LEU B 66 -27.71 14.85 -30.75
C LEU B 66 -27.36 14.14 -32.06
N ARG B 67 -28.03 13.03 -32.34
CA ARG B 67 -27.76 12.24 -33.54
C ARG B 67 -26.29 11.83 -33.69
N LEU B 68 -25.68 11.41 -32.57
CA LEU B 68 -24.34 10.84 -32.59
C LEU B 68 -24.35 9.44 -33.24
N ASN B 69 -23.47 9.22 -34.21
CA ASN B 69 -23.31 7.90 -34.81
C ASN B 69 -22.40 6.99 -33.98
N LEU B 70 -22.99 6.22 -33.08
CA LEU B 70 -22.21 5.32 -32.24
C LEU B 70 -21.62 4.17 -33.04
N GLY B 71 -22.21 3.88 -34.20
CA GLY B 71 -21.67 2.90 -35.12
C GLY B 71 -20.19 3.09 -35.36
N LEU B 72 -19.75 4.35 -35.39
CA LEU B 72 -18.33 4.65 -35.55
C LEU B 72 -17.43 4.01 -34.49
N PHE B 73 -18.00 3.71 -33.33
CA PHE B 73 -17.24 3.07 -32.24
C PHE B 73 -17.59 1.58 -32.06
N SER B 74 -18.39 1.03 -32.97
CA SER B 74 -18.75 -0.39 -32.90
C SER B 74 -17.49 -1.23 -33.12
N THR B 75 -17.45 -2.42 -32.54
CA THR B 75 -16.26 -3.27 -32.63
C THR B 75 -15.84 -3.53 -34.08
N LYS B 76 -16.83 -3.67 -34.95
CA LYS B 76 -16.60 -3.91 -36.38
C LYS B 76 -15.92 -2.72 -37.07
N THR B 77 -16.34 -1.51 -36.72
CA THR B 77 -15.73 -0.30 -37.26
C THR B 77 -14.29 -0.15 -36.79
N LEU B 78 -14.07 -0.42 -35.51
CA LEU B 78 -12.74 -0.35 -34.91
C LEU B 78 -11.79 -1.34 -35.56
N VAL B 79 -12.25 -2.57 -35.76
CA VAL B 79 -11.44 -3.59 -36.40
C VAL B 79 -11.04 -3.15 -37.81
N GLU B 80 -11.94 -2.47 -38.51
CA GLU B 80 -11.62 -1.95 -39.83
C GLU B 80 -10.63 -0.80 -39.73
N ALA B 81 -10.88 0.12 -38.79
CA ALA B 81 -10.03 1.31 -38.66
C ALA B 81 -8.59 0.98 -38.31
N SER B 82 -8.40 0.24 -37.22
CA SER B 82 -7.05 -0.12 -36.77
C SER B 82 -7.03 -1.49 -36.12
N GLY B 83 -6.76 -2.52 -36.91
CA GLY B 83 -6.86 -3.89 -36.45
C GLY B 83 -5.77 -4.33 -35.50
N GLU B 84 -4.54 -3.87 -35.75
CA GLU B 84 -3.40 -4.28 -34.96
C GLU B 84 -3.10 -3.31 -33.82
N HIS B 85 -3.96 -2.29 -33.69
CA HIS B 85 -3.90 -1.36 -32.59
C HIS B 85 -3.88 -2.15 -31.28
N THR B 86 -2.93 -1.85 -30.40
CA THR B 86 -2.80 -2.62 -29.17
C THR B 86 -3.90 -2.25 -28.16
N VAL B 87 -4.25 -3.22 -27.32
CA VAL B 87 -5.23 -2.99 -26.27
C VAL B 87 -4.76 -3.65 -24.97
N GLU B 88 -5.00 -2.99 -23.84
CA GLU B 88 -4.60 -3.53 -22.54
C GLU B 88 -5.69 -4.46 -21.99
N VAL B 89 -5.37 -5.74 -21.86
CA VAL B 89 -6.33 -6.72 -21.36
C VAL B 89 -6.23 -6.97 -19.85
N ARG B 90 -7.38 -7.03 -19.19
CA ARG B 90 -7.45 -7.36 -17.78
C ARG B 90 -8.15 -8.70 -17.59
N THR B 91 -7.44 -9.67 -17.03
CA THR B 91 -8.01 -10.98 -16.74
C THR B 91 -8.65 -10.98 -15.36
N GLN B 92 -9.96 -11.19 -15.33
CA GLN B 92 -10.71 -11.07 -14.08
C GLN B 92 -11.54 -12.33 -13.88
N VAL B 93 -12.14 -12.44 -12.70
CA VAL B 93 -13.14 -13.47 -12.46
C VAL B 93 -14.52 -12.81 -12.47
N GLN B 94 -15.45 -13.42 -13.20
CA GLN B 94 -16.81 -12.89 -13.30
C GLN B 94 -17.63 -13.18 -12.05
N GLN B 95 -18.31 -12.15 -11.57
CA GLN B 95 -19.12 -12.24 -10.37
C GLN B 95 -20.30 -11.29 -10.53
N PRO B 96 -21.36 -11.49 -9.73
CA PRO B 96 -22.45 -10.50 -9.76
C PRO B 96 -21.92 -9.10 -9.44
N SER B 97 -22.78 -8.09 -9.56
CA SER B 97 -22.33 -6.70 -9.48
C SER B 97 -22.00 -6.25 -8.06
N ASP B 98 -22.92 -6.46 -7.14
CA ASP B 98 -22.73 -5.98 -5.78
C ASP B 98 -21.86 -6.92 -4.93
N GLU B 99 -21.09 -7.79 -5.58
CA GLU B 99 -20.30 -8.77 -4.83
C GLU B 99 -18.90 -9.06 -5.35
N ASN B 100 -17.98 -9.24 -4.41
CA ASN B 100 -16.60 -9.65 -4.70
C ASN B 100 -16.13 -10.60 -3.60
N TRP B 101 -15.87 -11.86 -3.98
CA TRP B 101 -15.66 -12.95 -3.02
C TRP B 101 -14.23 -13.50 -3.00
N ASP B 102 -13.87 -14.16 -1.91
CA ASP B 102 -12.66 -14.97 -1.91
C ASP B 102 -12.87 -16.18 -2.82
N LEU B 103 -11.89 -17.09 -2.86
CA LEU B 103 -11.86 -18.15 -3.85
C LEU B 103 -12.99 -19.18 -3.69
N THR B 104 -13.46 -19.35 -2.47
CA THR B 104 -14.46 -20.37 -2.17
C THR B 104 -15.88 -19.81 -2.13
N GLY B 105 -15.99 -18.50 -2.22
CA GLY B 105 -17.28 -17.85 -2.01
C GLY B 105 -17.67 -17.97 -0.56
N THR B 106 -16.67 -17.88 0.31
CA THR B 106 -16.86 -17.85 1.76
C THR B 106 -17.21 -16.44 2.20
N ARG B 107 -16.43 -15.48 1.71
CA ARG B 107 -16.34 -14.17 2.31
C ARG B 107 -16.23 -13.08 1.24
N GLN B 108 -16.90 -11.96 1.48
CA GLN B 108 -16.75 -10.78 0.63
C GLN B 108 -15.46 -10.04 0.98
N ILE B 109 -14.72 -9.65 -0.04
CA ILE B 109 -13.43 -8.99 0.18
C ILE B 109 -13.26 -7.73 -0.67
N TRP B 110 -12.48 -6.79 -0.16
CA TRP B 110 -12.20 -5.54 -0.86
C TRP B 110 -11.21 -5.71 -1.98
N PRO B 111 -10.08 -6.41 -1.73
CA PRO B 111 -9.10 -6.53 -2.81
C PRO B 111 -9.68 -7.14 -4.08
N CYS B 112 -9.47 -6.42 -5.18
CA CYS B 112 -9.95 -6.80 -6.51
C CYS B 112 -8.80 -7.40 -7.31
N GLU B 113 -8.99 -8.61 -7.81
CA GLU B 113 -7.95 -9.28 -8.59
C GLU B 113 -8.04 -8.96 -10.08
N SER B 114 -6.96 -8.41 -10.62
CA SER B 114 -6.86 -8.14 -12.05
C SER B 114 -5.44 -8.43 -12.51
N SER B 115 -5.30 -9.05 -13.68
CA SER B 115 -3.98 -9.31 -14.23
C SER B 115 -3.85 -8.75 -15.64
N ARG B 116 -2.67 -8.24 -15.96
CA ARG B 116 -2.47 -7.41 -17.13
C ARG B 116 -1.72 -8.14 -18.24
N SER B 117 -2.18 -7.92 -19.47
CA SER B 117 -1.52 -8.43 -20.66
C SER B 117 -1.88 -7.53 -21.84
N HIS B 118 -1.36 -7.84 -23.02
CA HIS B 118 -1.63 -7.03 -24.19
C HIS B 118 -1.94 -7.86 -25.44
N THR B 119 -2.86 -7.37 -26.26
CA THR B 119 -3.20 -8.02 -27.51
C THR B 119 -3.58 -6.96 -28.54
N THR B 120 -4.17 -7.36 -29.65
CA THR B 120 -4.54 -6.42 -30.71
C THR B 120 -6.05 -6.20 -30.70
N ILE B 121 -6.51 -5.05 -31.19
CA ILE B 121 -7.94 -4.79 -31.26
C ILE B 121 -8.67 -5.94 -31.97
N ALA B 122 -8.04 -6.47 -33.01
CA ALA B 122 -8.63 -7.54 -33.80
C ALA B 122 -8.81 -8.81 -32.97
N LYS B 123 -7.76 -9.21 -32.26
CA LYS B 123 -7.83 -10.41 -31.43
C LYS B 123 -8.78 -10.25 -30.26
N TYR B 124 -8.87 -9.03 -29.72
CA TYR B 124 -9.84 -8.83 -28.65
C TYR B 124 -11.27 -8.88 -29.19
N ALA B 125 -11.48 -8.40 -30.40
CA ALA B 125 -12.81 -8.43 -31.02
C ALA B 125 -13.26 -9.87 -31.26
N GLN B 126 -12.33 -10.75 -31.62
CA GLN B 126 -12.66 -12.13 -31.88
C GLN B 126 -12.94 -12.87 -30.57
N TYR B 127 -12.31 -12.44 -29.50
CA TYR B 127 -12.65 -12.96 -28.18
C TYR B 127 -14.06 -12.51 -27.81
N GLN B 128 -14.30 -11.21 -27.94
CA GLN B 128 -15.58 -10.61 -27.55
C GLN B 128 -16.76 -11.30 -28.24
N ALA B 129 -16.59 -11.64 -29.52
CA ALA B 129 -17.66 -12.29 -30.28
C ALA B 129 -17.74 -13.79 -29.98
N SER B 130 -16.59 -14.45 -29.93
CA SER B 130 -16.53 -15.85 -29.51
C SER B 130 -17.19 -16.00 -28.15
N SER B 131 -16.89 -15.06 -27.27
CA SER B 131 -17.50 -15.03 -25.94
C SER B 131 -19.02 -14.96 -26.05
N PHE B 132 -19.50 -14.18 -27.00
CA PHE B 132 -20.93 -13.98 -27.17
C PHE B 132 -21.62 -15.25 -27.68
N GLN B 133 -21.01 -15.93 -28.65
CA GLN B 133 -21.60 -17.14 -29.21
C GLN B 133 -21.68 -18.26 -28.18
N GLU B 134 -20.61 -18.46 -27.42
CA GLU B 134 -20.56 -19.55 -26.46
C GLU B 134 -21.70 -19.37 -25.46
N SER B 135 -21.94 -18.14 -25.04
CA SER B 135 -23.07 -17.85 -24.17
C SER B 135 -24.40 -18.11 -24.86
N LEU B 136 -24.47 -17.75 -26.14
CA LEU B 136 -25.69 -17.94 -26.92
C LEU B 136 -25.93 -19.43 -27.20
N GLN B 137 -24.86 -20.16 -27.49
CA GLN B 137 -24.93 -21.62 -27.69
C GLN B 137 -25.47 -22.34 -26.46
N GLU B 138 -24.98 -21.96 -25.28
CA GLU B 138 -25.40 -22.59 -24.03
C GLU B 138 -26.88 -22.37 -23.78
N GLU B 139 -27.34 -21.17 -24.07
CA GLU B 139 -28.73 -20.81 -23.88
C GLU B 139 -29.67 -21.63 -24.76
N LEU B 140 -29.25 -21.88 -26.00
CA LEU B 140 -30.09 -22.61 -26.94
C LEU B 140 -30.17 -24.10 -26.58
N GLU B 141 -29.09 -24.64 -26.04
CA GLU B 141 -29.09 -26.01 -25.56
C GLU B 141 -30.17 -26.12 -24.50
N VAL B 142 -30.04 -25.28 -23.48
CA VAL B 142 -30.98 -25.24 -22.36
C VAL B 142 -32.44 -25.19 -22.83
N LEU B 143 -32.71 -24.47 -23.91
CA LEU B 143 -34.04 -24.51 -24.51
C LEU B 143 -34.42 -25.95 -24.79
N PHE B 144 -33.75 -26.57 -25.76
CA PHE B 144 -33.91 -27.99 -26.01
C PHE B 144 -33.56 -28.73 -24.72
N HIS B 166 -15.63 -20.96 -11.53
CA HIS B 166 -15.04 -19.67 -11.83
C HIS B 166 -14.96 -19.39 -13.32
N HIS B 167 -15.84 -18.55 -13.83
CA HIS B 167 -15.76 -18.13 -15.22
C HIS B 167 -14.74 -17.01 -15.34
N ILE B 168 -13.66 -17.27 -16.06
CA ILE B 168 -12.62 -16.27 -16.27
C ILE B 168 -12.93 -15.42 -17.50
N ILE B 169 -12.89 -14.10 -17.34
CA ILE B 169 -13.15 -13.19 -18.45
C ILE B 169 -11.96 -12.28 -18.74
N LYS B 170 -11.88 -11.80 -19.97
CA LYS B 170 -10.85 -10.85 -20.38
C LYS B 170 -11.52 -9.51 -20.71
N PHE B 171 -10.95 -8.42 -20.21
CA PHE B 171 -11.56 -7.09 -20.32
C PHE B 171 -10.64 -6.14 -21.09
N GLY B 172 -11.13 -5.61 -22.21
CA GLY B 172 -10.34 -4.74 -23.06
C GLY B 172 -10.40 -3.29 -22.61
N THR B 173 -9.30 -2.79 -22.08
CA THR B 173 -9.33 -1.55 -21.32
C THR B 173 -8.33 -0.53 -21.85
N ASN B 174 -8.54 0.75 -21.53
CA ASN B 174 -7.61 1.82 -21.86
C ASN B 174 -7.02 1.72 -23.26
N ILE B 175 -7.90 1.69 -24.26
CA ILE B 175 -7.49 1.68 -25.66
C ILE B 175 -7.40 3.12 -26.13
N ASP B 176 -6.23 3.52 -26.63
CA ASP B 176 -5.95 4.93 -26.89
C ASP B 176 -6.45 5.43 -28.25
N LEU B 177 -7.42 6.33 -28.23
CA LEU B 177 -7.92 6.93 -29.46
C LEU B 177 -7.36 8.34 -29.71
N SER B 178 -6.14 8.60 -29.25
CA SER B 178 -5.58 9.95 -29.34
C SER B 178 -5.26 10.40 -30.77
N ASP B 179 -4.83 9.46 -31.60
CA ASP B 179 -4.39 9.77 -32.96
C ASP B 179 -5.53 10.32 -33.84
N ALA B 180 -5.47 11.61 -34.17
CA ALA B 180 -6.54 12.29 -34.90
C ALA B 180 -6.53 11.84 -36.35
N LYS B 181 -5.57 11.01 -36.72
CA LYS B 181 -5.55 10.58 -38.11
C LYS B 181 -6.43 9.36 -38.37
N ARG B 182 -6.23 8.32 -37.58
CA ARG B 182 -7.03 7.10 -37.65
C ARG B 182 -8.48 7.29 -37.18
N TRP B 183 -8.61 8.09 -36.13
CA TRP B 183 -9.83 8.23 -35.38
C TRP B 183 -10.59 9.50 -35.74
N LYS B 184 -10.22 10.09 -36.87
CA LYS B 184 -10.81 11.36 -37.30
C LYS B 184 -12.33 11.34 -37.24
N PRO B 185 -12.95 10.42 -38.00
CA PRO B 185 -14.42 10.44 -37.97
C PRO B 185 -14.98 10.16 -36.58
N GLN B 186 -14.28 9.35 -35.79
CA GLN B 186 -14.70 9.07 -34.42
C GLN B 186 -14.67 10.33 -33.56
N LEU B 187 -13.55 11.05 -33.61
CA LEU B 187 -13.37 12.26 -32.80
C LEU B 187 -14.23 13.42 -33.28
N GLN B 188 -14.39 13.56 -34.60
CA GLN B 188 -15.23 14.62 -35.14
C GLN B 188 -16.65 14.52 -34.59
N GLU B 189 -17.12 13.29 -34.38
CA GLU B 189 -18.47 13.08 -33.89
C GLU B 189 -18.69 13.75 -32.53
N LEU B 190 -17.66 13.75 -31.70
CA LEU B 190 -17.74 14.27 -30.34
C LEU B 190 -17.74 15.81 -30.27
N LEU B 191 -17.55 16.45 -31.42
CA LEU B 191 -17.65 17.90 -31.52
C LEU B 191 -19.10 18.36 -31.41
N LYS B 192 -20.04 17.42 -31.52
CA LYS B 192 -21.46 17.72 -31.40
C LYS B 192 -21.91 17.93 -29.96
N LEU B 193 -21.08 17.52 -29.01
CA LEU B 193 -21.38 17.69 -27.60
C LEU B 193 -21.32 19.17 -27.22
N PRO B 194 -21.98 19.54 -26.12
CA PRO B 194 -21.85 20.90 -25.57
C PRO B 194 -20.39 21.16 -25.16
N ALA B 195 -19.96 22.42 -25.20
CA ALA B 195 -18.57 22.78 -24.96
C ALA B 195 -17.98 22.18 -23.68
N PHE B 196 -18.69 22.27 -22.57
CA PHE B 196 -18.18 21.79 -21.28
C PHE B 196 -17.96 20.27 -21.22
N MET B 197 -18.44 19.55 -22.23
CA MET B 197 -18.25 18.10 -22.29
C MET B 197 -17.22 17.70 -23.33
N ARG B 198 -16.76 18.66 -24.12
CA ARG B 198 -15.89 18.31 -25.24
C ARG B 198 -14.45 17.99 -24.81
N VAL B 199 -13.77 17.20 -25.63
CA VAL B 199 -12.37 16.86 -25.37
C VAL B 199 -11.51 18.09 -25.17
N THR B 200 -11.75 19.10 -26.01
CA THR B 200 -10.92 20.31 -26.08
C THR B 200 -11.81 21.55 -26.05
N SER B 201 -11.58 22.43 -25.09
CA SER B 201 -12.42 23.61 -24.95
C SER B 201 -11.71 24.67 -24.13
N THR B 202 -11.89 25.93 -24.53
CA THR B 202 -11.28 27.06 -23.84
C THR B 202 -11.73 27.06 -22.38
N GLY B 203 -12.94 26.55 -22.13
CA GLY B 203 -13.47 26.49 -20.78
C GLY B 203 -13.10 25.22 -20.03
N ASN B 204 -12.17 24.45 -20.58
CA ASN B 204 -11.75 23.19 -20.00
C ASN B 204 -10.27 23.20 -19.59
N MET B 205 -10.01 23.20 -18.28
CA MET B 205 -8.64 23.35 -17.76
C MET B 205 -7.65 22.42 -18.43
N LEU B 206 -8.11 21.23 -18.82
CA LEU B 206 -7.22 20.25 -19.39
C LEU B 206 -6.74 20.66 -20.78
N SER B 207 -7.42 21.63 -21.37
CA SER B 207 -7.00 22.19 -22.66
C SER B 207 -5.92 23.23 -22.46
N HIS B 208 -5.65 23.57 -21.20
CA HIS B 208 -4.65 24.58 -20.89
C HIS B 208 -3.36 23.98 -20.33
N VAL B 209 -3.26 22.66 -20.38
CA VAL B 209 -2.06 21.96 -19.92
C VAL B 209 -0.87 22.23 -20.83
N GLY B 210 -1.12 22.32 -22.13
CA GLY B 210 -0.06 22.60 -23.09
C GLY B 210 0.60 21.34 -23.61
N HIS B 211 0.17 20.20 -23.10
CA HIS B 211 0.63 18.92 -23.63
C HIS B 211 -0.45 17.84 -23.50
N THR B 212 -0.20 16.69 -24.11
CA THR B 212 -1.21 15.65 -24.22
C THR B 212 -1.10 14.63 -23.09
N ILE B 213 -2.18 14.51 -22.31
CA ILE B 213 -2.26 13.53 -21.23
C ILE B 213 -3.24 12.42 -21.60
N LEU B 214 -2.70 11.26 -21.97
CA LEU B 214 -3.52 10.15 -22.46
C LEU B 214 -4.65 9.75 -21.52
N GLY B 215 -5.87 9.68 -22.06
CA GLY B 215 -7.01 9.22 -21.30
C GLY B 215 -7.73 10.32 -20.57
N MET B 216 -7.10 11.50 -20.49
CA MET B 216 -7.73 12.66 -19.88
C MET B 216 -8.17 13.69 -20.93
N ASN B 217 -7.21 14.31 -21.61
CA ASN B 217 -7.56 15.19 -22.72
C ASN B 217 -7.42 14.46 -24.06
N THR B 218 -7.43 13.14 -23.99
CA THR B 218 -7.61 12.30 -25.17
C THR B 218 -8.65 11.22 -24.86
N VAL B 219 -9.19 10.58 -25.89
CA VAL B 219 -10.27 9.63 -25.69
C VAL B 219 -9.80 8.22 -25.40
N GLN B 220 -10.48 7.55 -24.47
CA GLN B 220 -10.22 6.15 -24.18
C GLN B 220 -11.40 5.28 -24.57
N LEU B 221 -11.11 4.17 -25.24
CA LEU B 221 -12.13 3.21 -25.61
C LEU B 221 -12.04 1.94 -24.74
N TYR B 222 -13.18 1.52 -24.19
CA TYR B 222 -13.26 0.26 -23.47
C TYR B 222 -14.04 -0.77 -24.29
N MET B 223 -13.52 -1.99 -24.38
CA MET B 223 -14.22 -3.09 -25.03
C MET B 223 -14.53 -4.15 -24.01
N LYS B 224 -15.82 -4.41 -23.77
CA LYS B 224 -16.22 -5.19 -22.61
C LYS B 224 -16.98 -6.49 -22.90
N VAL B 225 -16.87 -7.42 -21.96
CA VAL B 225 -17.78 -8.55 -21.91
C VAL B 225 -18.42 -8.57 -20.52
N PRO B 226 -19.55 -9.27 -20.38
CA PRO B 226 -20.28 -9.29 -19.11
C PRO B 226 -19.36 -9.64 -17.95
N GLY B 227 -19.38 -8.84 -16.89
CA GLY B 227 -18.50 -9.08 -15.75
C GLY B 227 -17.25 -8.20 -15.77
N SER B 228 -17.00 -7.52 -16.89
CA SER B 228 -15.85 -6.62 -17.01
C SER B 228 -15.93 -5.47 -16.00
N ARG B 229 -14.91 -5.38 -15.15
CA ARG B 229 -14.92 -4.41 -14.06
C ARG B 229 -13.81 -3.37 -14.13
N THR B 230 -14.18 -2.13 -13.81
CA THR B 230 -13.20 -1.10 -13.48
C THR B 230 -13.36 -0.86 -11.99
N PRO B 231 -12.32 -1.14 -11.20
CA PRO B 231 -12.42 -1.07 -9.74
C PRO B 231 -12.49 0.37 -9.20
N GLY B 232 -12.67 0.48 -7.88
CA GLY B 232 -12.86 1.77 -7.25
C GLY B 232 -11.79 2.80 -7.53
N HIS B 233 -12.21 4.02 -7.81
CA HIS B 233 -11.26 5.11 -7.99
C HIS B 233 -11.90 6.48 -8.01
N GLN B 234 -11.05 7.49 -7.82
CA GLN B 234 -11.37 8.85 -8.21
C GLN B 234 -10.52 9.14 -9.43
N GLU B 235 -10.95 10.08 -10.25
CA GLU B 235 -10.18 10.44 -11.43
C GLU B 235 -8.89 11.16 -11.00
N ASN B 236 -7.87 11.12 -11.84
CA ASN B 236 -6.66 11.90 -11.61
C ASN B 236 -6.95 13.36 -11.24
N ASN B 237 -6.35 13.81 -10.14
CA ASN B 237 -6.52 15.16 -9.63
C ASN B 237 -7.99 15.60 -9.50
N ASN B 238 -8.87 14.63 -9.29
CA ASN B 238 -10.28 14.92 -9.07
C ASN B 238 -11.00 15.57 -10.27
N PHE B 239 -10.52 15.30 -11.47
CA PHE B 239 -11.15 15.87 -12.65
C PHE B 239 -12.43 15.12 -13.04
N CYS B 240 -13.36 15.86 -13.62
CA CYS B 240 -14.65 15.30 -14.04
C CYS B 240 -14.45 14.29 -15.14
N SER B 241 -15.40 13.38 -15.27
CA SER B 241 -15.32 12.36 -16.30
C SER B 241 -16.59 12.31 -17.14
N VAL B 242 -16.42 11.98 -18.42
CA VAL B 242 -17.52 11.83 -19.34
C VAL B 242 -17.44 10.47 -20.00
N ASN B 243 -18.54 9.72 -19.96
CA ASN B 243 -18.54 8.35 -20.45
C ASN B 243 -19.77 8.06 -21.29
N ILE B 244 -19.56 7.51 -22.48
CA ILE B 244 -20.68 7.14 -23.32
C ILE B 244 -20.67 5.64 -23.63
N ASN B 245 -21.78 4.98 -23.34
CA ASN B 245 -21.95 3.57 -23.65
C ASN B 245 -22.34 3.38 -25.12
N ILE B 246 -21.45 2.71 -25.85
CA ILE B 246 -21.72 2.33 -27.23
C ILE B 246 -22.86 1.33 -27.33
N GLY B 247 -22.91 0.40 -26.38
CA GLY B 247 -23.90 -0.67 -26.37
C GLY B 247 -23.40 -1.80 -27.24
N PRO B 248 -24.24 -2.78 -27.55
CA PRO B 248 -25.63 -2.87 -27.07
C PRO B 248 -25.78 -3.07 -25.55
N GLY B 249 -24.90 -3.90 -24.97
CA GLY B 249 -25.01 -4.26 -23.57
C GLY B 249 -24.88 -3.14 -22.57
N ASP B 250 -25.64 -3.24 -21.47
CA ASP B 250 -25.65 -2.22 -20.43
C ASP B 250 -24.37 -2.22 -19.57
N CYS B 251 -24.21 -1.16 -18.78
CA CYS B 251 -23.20 -1.12 -17.71
C CYS B 251 -23.89 -0.75 -16.40
N GLU B 252 -23.35 -1.24 -15.29
CA GLU B 252 -23.88 -0.91 -13.98
C GLU B 252 -22.85 -0.08 -13.23
N TRP B 253 -23.30 1.03 -12.65
CA TRP B 253 -22.42 2.02 -12.05
C TRP B 253 -22.69 2.15 -10.56
N PHE B 254 -21.62 2.33 -9.79
CA PHE B 254 -21.72 2.63 -8.37
C PHE B 254 -20.92 3.89 -8.12
N ALA B 255 -21.44 4.79 -7.30
CA ALA B 255 -20.74 6.03 -7.02
C ALA B 255 -20.99 6.53 -5.60
N VAL B 256 -20.00 7.23 -5.07
CA VAL B 256 -20.08 7.84 -3.74
C VAL B 256 -19.55 9.27 -3.78
N HIS B 257 -20.26 10.16 -3.12
CA HIS B 257 -19.90 11.58 -3.11
C HIS B 257 -18.48 11.79 -2.56
N GLU B 258 -17.76 12.75 -3.13
CA GLU B 258 -16.38 13.07 -2.75
C GLU B 258 -16.17 13.15 -1.24
N HIS B 259 -17.18 13.65 -0.54
CA HIS B 259 -17.10 13.92 0.88
C HIS B 259 -16.68 12.71 1.70
N TYR B 260 -16.97 11.51 1.21
CA TYR B 260 -16.75 10.28 1.95
C TYR B 260 -15.48 9.56 1.51
N TRP B 261 -14.70 10.17 0.64
CA TRP B 261 -13.56 9.47 0.05
C TRP B 261 -12.57 8.94 1.09
N GLU B 262 -12.23 9.75 2.08
CA GLU B 262 -11.26 9.33 3.09
C GLU B 262 -11.73 8.12 3.86
N THR B 263 -13.02 8.07 4.17
CA THR B 263 -13.60 6.91 4.85
C THR B 263 -13.48 5.64 4.03
N ILE B 264 -13.52 5.77 2.72
CA ILE B 264 -13.37 4.61 1.85
C ILE B 264 -11.91 4.23 1.78
N SER B 265 -11.09 5.26 1.91
CA SER B 265 -9.65 5.12 1.90
C SER B 265 -9.19 4.33 3.13
N ALA B 266 -9.85 4.56 4.26
CA ALA B 266 -9.53 3.87 5.50
C ALA B 266 -9.88 2.38 5.39
N PHE B 267 -10.95 2.07 4.65
CA PHE B 267 -11.31 0.68 4.41
C PHE B 267 -10.20 -0.04 3.65
N CYS B 268 -9.68 0.61 2.62
CA CYS B 268 -8.60 0.04 1.83
C CYS B 268 -7.35 -0.17 2.69
N ASP B 269 -7.07 0.78 3.58
CA ASP B 269 -5.92 0.65 4.45
C ASP B 269 -6.08 -0.58 5.34
N ARG B 270 -7.19 -0.66 6.08
CA ARG B 270 -7.47 -1.80 6.95
C ARG B 270 -7.46 -3.16 6.24
N HIS B 271 -7.76 -3.16 4.94
CA HIS B 271 -7.73 -4.40 4.17
C HIS B 271 -6.41 -4.57 3.39
N GLY B 272 -5.46 -3.68 3.65
CA GLY B 272 -4.13 -3.79 3.07
C GLY B 272 -4.08 -3.67 1.56
N VAL B 273 -4.90 -2.78 1.02
CA VAL B 273 -4.85 -2.41 -0.39
C VAL B 273 -4.64 -0.91 -0.51
N ASP B 274 -3.70 -0.49 -1.35
CA ASP B 274 -3.47 0.95 -1.50
C ASP B 274 -4.68 1.62 -2.16
N TYR B 275 -5.17 2.68 -1.53
CA TYR B 275 -6.35 3.38 -2.03
C TYR B 275 -6.12 4.00 -3.42
N LEU B 276 -5.03 4.75 -3.58
CA LEU B 276 -4.74 5.47 -4.82
C LEU B 276 -4.29 4.59 -5.99
N THR B 277 -3.53 3.54 -5.72
CA THR B 277 -2.93 2.75 -6.79
C THR B 277 -3.38 1.29 -6.77
N GLY B 278 -4.09 0.90 -5.73
CA GLY B 278 -4.53 -0.47 -5.58
C GLY B 278 -5.79 -0.79 -6.36
N SER B 279 -6.09 -2.09 -6.45
CA SER B 279 -7.27 -2.58 -7.14
C SER B 279 -8.28 -3.07 -6.10
N TRP B 280 -9.37 -2.35 -5.93
CA TRP B 280 -10.34 -2.69 -4.90
C TRP B 280 -11.80 -2.53 -5.37
N TRP B 281 -12.64 -3.43 -4.88
CA TRP B 281 -14.07 -3.39 -5.17
C TRP B 281 -14.79 -3.36 -3.84
N PRO B 282 -15.42 -2.22 -3.52
CA PRO B 282 -16.09 -2.01 -2.23
C PRO B 282 -17.11 -3.09 -1.85
N ILE B 283 -17.20 -3.38 -0.56
CA ILE B 283 -18.25 -4.21 0.00
C ILE B 283 -19.41 -3.28 0.41
N LEU B 284 -20.53 -3.38 -0.31
CA LEU B 284 -21.63 -2.42 -0.13
C LEU B 284 -22.16 -2.39 1.30
N ASP B 285 -22.35 -3.55 1.91
CA ASP B 285 -22.79 -3.61 3.30
C ASP B 285 -21.86 -2.83 4.23
N ASP B 286 -20.57 -2.82 3.91
CA ASP B 286 -19.60 -2.01 4.67
C ASP B 286 -19.95 -0.52 4.64
N LEU B 287 -20.26 -0.02 3.45
CA LEU B 287 -20.60 1.39 3.29
C LEU B 287 -21.91 1.73 4.01
N TYR B 288 -22.96 0.96 3.73
CA TYR B 288 -24.23 1.15 4.42
C TYR B 288 -24.02 1.15 5.93
N ALA B 289 -23.24 0.20 6.42
CA ALA B 289 -22.93 0.12 7.84
C ALA B 289 -22.23 1.40 8.31
N SER B 290 -21.47 2.03 7.40
CA SER B 290 -20.75 3.26 7.70
C SER B 290 -21.59 4.51 7.46
N ASN B 291 -22.86 4.33 7.15
CA ASN B 291 -23.77 5.45 6.88
C ASN B 291 -23.37 6.21 5.61
N ILE B 292 -22.91 5.48 4.60
CA ILE B 292 -22.48 6.08 3.34
C ILE B 292 -23.47 5.81 2.22
N PRO B 293 -24.16 6.85 1.74
CA PRO B 293 -25.11 6.66 0.65
C PRO B 293 -24.37 6.25 -0.61
N VAL B 294 -24.87 5.22 -1.29
CA VAL B 294 -24.29 4.75 -2.54
C VAL B 294 -25.25 4.99 -3.69
N TYR B 295 -24.75 5.51 -4.80
CA TYR B 295 -25.55 5.68 -6.02
C TYR B 295 -25.40 4.45 -6.92
N ARG B 296 -26.53 3.83 -7.25
CA ARG B 296 -26.55 2.65 -8.10
C ARG B 296 -27.46 2.93 -9.30
N PHE B 297 -26.94 2.72 -10.50
CA PHE B 297 -27.76 2.89 -11.69
C PHE B 297 -27.19 2.09 -12.85
N VAL B 298 -28.03 1.89 -13.86
CA VAL B 298 -27.64 1.22 -15.09
C VAL B 298 -27.44 2.26 -16.18
N GLN B 299 -26.38 2.10 -16.96
CA GLN B 299 -26.15 2.99 -18.09
C GLN B 299 -26.36 2.23 -19.38
N ARG B 300 -27.40 2.62 -20.12
CA ARG B 300 -27.81 2.01 -21.40
C ARG B 300 -27.08 2.55 -22.64
N PRO B 301 -27.15 1.82 -23.77
CA PRO B 301 -26.51 2.33 -24.99
C PRO B 301 -26.95 3.76 -25.29
N GLY B 302 -26.00 4.63 -25.59
CA GLY B 302 -26.33 6.00 -25.95
C GLY B 302 -26.51 6.91 -24.74
N ASP B 303 -26.60 6.31 -23.55
CA ASP B 303 -26.65 7.07 -22.31
C ASP B 303 -25.27 7.65 -22.01
N LEU B 304 -25.24 8.92 -21.59
CA LEU B 304 -23.98 9.55 -21.25
C LEU B 304 -23.90 9.74 -19.74
N VAL B 305 -22.79 9.31 -19.15
CA VAL B 305 -22.57 9.52 -17.73
C VAL B 305 -21.60 10.67 -17.47
N TRP B 306 -22.03 11.60 -16.64
CA TRP B 306 -21.18 12.68 -16.17
C TRP B 306 -20.79 12.41 -14.73
N ILE B 307 -19.49 12.28 -14.49
CA ILE B 307 -18.96 12.02 -13.16
C ILE B 307 -18.42 13.34 -12.63
N ASN B 308 -19.05 13.86 -11.59
CA ASN B 308 -18.68 15.17 -11.05
C ASN B 308 -17.36 15.11 -10.27
N ALA B 309 -16.76 16.28 -10.04
CA ALA B 309 -15.42 16.35 -9.44
C ALA B 309 -15.22 15.45 -8.23
N GLY B 310 -14.23 14.56 -8.33
CA GLY B 310 -13.81 13.75 -7.21
C GLY B 310 -14.81 12.72 -6.68
N THR B 311 -15.80 12.36 -7.49
CA THR B 311 -16.74 11.30 -7.11
C THR B 311 -16.06 9.93 -7.16
N VAL B 312 -16.18 9.14 -6.10
CA VAL B 312 -15.65 7.80 -6.09
C VAL B 312 -16.61 6.87 -6.81
N HIS B 313 -16.14 6.16 -7.82
CA HIS B 313 -17.01 5.28 -8.60
C HIS B 313 -16.30 3.98 -8.96
N TRP B 314 -17.10 2.99 -9.36
CA TRP B 314 -16.59 1.76 -9.92
C TRP B 314 -17.67 1.15 -10.81
N VAL B 315 -17.27 0.41 -11.83
CA VAL B 315 -18.18 0.04 -12.88
C VAL B 315 -18.09 -1.41 -13.32
N GLN B 316 -19.22 -1.95 -13.74
CA GLN B 316 -19.28 -3.31 -14.30
C GLN B 316 -20.19 -3.38 -15.52
N ALA B 317 -19.71 -3.98 -16.59
CA ALA B 317 -20.54 -4.38 -17.72
C ALA B 317 -21.42 -5.57 -17.32
N THR B 318 -22.71 -5.49 -17.66
CA THR B 318 -23.62 -6.63 -17.50
C THR B 318 -23.81 -7.32 -18.84
N GLY B 319 -23.61 -6.58 -19.92
CA GLY B 319 -23.77 -7.13 -21.26
C GLY B 319 -22.49 -7.04 -22.06
N TRP B 320 -22.60 -7.21 -23.38
CA TRP B 320 -21.49 -6.99 -24.29
C TRP B 320 -21.61 -5.58 -24.84
N CYS B 321 -20.58 -4.77 -24.63
CA CYS B 321 -20.66 -3.36 -25.02
C CYS B 321 -19.28 -2.73 -25.07
N ASN B 322 -19.19 -1.60 -25.76
CA ASN B 322 -18.03 -0.73 -25.70
C ASN B 322 -18.40 0.58 -25.04
N ASN B 323 -17.44 1.21 -24.38
CA ASN B 323 -17.62 2.54 -23.83
C ASN B 323 -16.52 3.45 -24.35
N ILE B 324 -16.79 4.75 -24.34
CA ILE B 324 -15.75 5.75 -24.57
C ILE B 324 -15.80 6.73 -23.41
N ALA B 325 -14.64 7.26 -23.05
CA ALA B 325 -14.52 8.15 -21.91
C ALA B 325 -13.34 9.07 -22.07
N TRP B 326 -13.38 10.18 -21.33
CA TRP B 326 -12.26 11.09 -21.23
C TRP B 326 -12.57 12.00 -20.06
N ASN B 327 -11.61 12.83 -19.67
CA ASN B 327 -11.81 13.76 -18.58
C ASN B 327 -11.99 15.19 -19.08
N VAL B 328 -12.78 15.97 -18.36
CA VAL B 328 -12.97 17.37 -18.69
C VAL B 328 -12.89 18.19 -17.41
N GLY B 329 -12.15 19.29 -17.44
CA GLY B 329 -12.11 20.15 -16.29
C GLY B 329 -12.92 21.40 -16.57
N PRO B 330 -14.12 21.46 -16.02
CA PRO B 330 -14.97 22.64 -16.17
C PRO B 330 -14.42 23.75 -15.29
N LEU B 331 -14.47 25.00 -15.74
CA LEU B 331 -13.97 26.06 -14.89
C LEU B 331 -15.02 26.50 -13.87
N THR B 332 -15.06 25.76 -12.76
CA THR B 332 -15.97 26.09 -11.67
C THR B 332 -15.19 26.12 -10.37
N ALA B 333 -15.64 26.93 -9.41
CA ALA B 333 -15.00 27.00 -8.11
C ALA B 333 -14.76 25.60 -7.56
N TYR B 334 -15.80 24.78 -7.57
CA TYR B 334 -15.77 23.44 -6.99
C TYR B 334 -14.73 22.52 -7.63
N GLN B 335 -14.72 22.46 -8.95
CA GLN B 335 -13.74 21.65 -9.66
C GLN B 335 -12.33 22.14 -9.38
N TYR B 336 -12.14 23.45 -9.41
CA TYR B 336 -10.81 24.02 -9.18
C TYR B 336 -10.32 23.68 -7.79
N GLN B 337 -11.14 23.95 -6.78
CA GLN B 337 -10.79 23.61 -5.40
C GLN B 337 -10.40 22.15 -5.26
N LEU B 338 -11.27 21.25 -5.71
CA LEU B 338 -11.01 19.81 -5.57
C LEU B 338 -9.78 19.36 -6.36
N ALA B 339 -9.50 20.03 -7.48
CA ALA B 339 -8.30 19.71 -8.25
C ALA B 339 -7.04 20.10 -7.48
N LEU B 340 -7.08 21.27 -6.86
CA LEU B 340 -5.94 21.78 -6.10
C LEU B 340 -5.72 20.94 -4.83
N GLU B 341 -6.81 20.54 -4.19
CA GLU B 341 -6.75 19.71 -2.99
C GLU B 341 -6.04 18.39 -3.25
N ARG B 342 -6.44 17.69 -4.31
CA ARG B 342 -5.84 16.41 -4.68
C ARG B 342 -4.40 16.58 -5.16
N TYR B 343 -4.08 17.77 -5.67
CA TYR B 343 -2.72 18.14 -6.10
C TYR B 343 -1.77 18.18 -4.89
N GLU B 344 -2.24 18.80 -3.82
CA GLU B 344 -1.47 18.87 -2.59
C GLU B 344 -1.40 17.50 -1.91
N TRP B 345 -2.52 16.79 -1.90
CA TRP B 345 -2.57 15.47 -1.29
C TRP B 345 -1.65 14.47 -1.97
N ASN B 346 -1.62 14.49 -3.30
CA ASN B 346 -0.69 13.62 -4.02
C ASN B 346 0.76 13.82 -3.55
N GLU B 347 1.14 15.07 -3.36
CA GLU B 347 2.50 15.37 -2.96
C GLU B 347 2.75 14.71 -1.60
N VAL B 348 1.85 14.95 -0.65
CA VAL B 348 1.94 14.32 0.66
C VAL B 348 2.17 12.82 0.54
N LYS B 349 1.45 12.18 -0.38
CA LYS B 349 1.53 10.73 -0.54
C LYS B 349 2.55 10.30 -1.59
N ASN B 350 3.47 11.20 -1.95
CA ASN B 350 4.51 10.90 -2.93
C ASN B 350 3.95 10.33 -4.23
N VAL B 351 2.80 10.83 -4.64
CA VAL B 351 2.15 10.41 -5.87
C VAL B 351 2.14 11.55 -6.90
N LYS B 352 2.64 11.28 -8.10
CA LYS B 352 2.72 12.29 -9.14
C LYS B 352 1.34 12.80 -9.58
N SER B 353 1.14 14.11 -9.55
CA SER B 353 -0.03 14.74 -10.14
C SER B 353 0.19 14.79 -11.63
N ILE B 354 -0.67 14.13 -12.40
CA ILE B 354 -0.51 14.13 -13.84
C ILE B 354 -0.99 15.45 -14.46
N VAL B 355 -1.74 16.23 -13.69
CA VAL B 355 -2.13 17.58 -14.11
C VAL B 355 -1.37 18.64 -13.32
N PRO B 356 -0.44 19.35 -13.99
CA PRO B 356 0.42 20.34 -13.35
C PRO B 356 -0.34 21.63 -13.02
N MET B 357 -1.03 21.64 -11.89
CA MET B 357 -1.97 22.70 -11.54
C MET B 357 -1.40 24.13 -11.53
N ILE B 358 -0.17 24.31 -11.07
CA ILE B 358 0.42 25.66 -11.02
C ILE B 358 0.61 26.22 -12.43
N HIS B 359 1.27 25.47 -13.29
CA HIS B 359 1.37 25.81 -14.70
C HIS B 359 -0.01 26.02 -15.34
N VAL B 360 -0.97 25.16 -14.99
CA VAL B 360 -2.33 25.30 -15.53
C VAL B 360 -3.01 26.59 -15.03
N SER B 361 -2.87 26.88 -13.74
CA SER B 361 -3.51 28.07 -13.19
C SER B 361 -3.02 29.36 -13.86
N TRP B 362 -1.72 29.44 -14.17
CA TRP B 362 -1.20 30.62 -14.84
C TRP B 362 -1.68 30.70 -16.29
N ASN B 363 -1.75 29.55 -16.95
CA ASN B 363 -2.25 29.52 -18.33
C ASN B 363 -3.67 30.05 -18.40
N VAL B 364 -4.51 29.59 -17.49
CA VAL B 364 -5.91 30.02 -17.44
C VAL B 364 -6.06 31.52 -17.17
N ALA B 365 -5.37 32.03 -16.15
CA ALA B 365 -5.46 33.45 -15.79
C ALA B 365 -5.05 34.31 -16.97
N ARG B 366 -4.15 33.77 -17.79
CA ARG B 366 -3.60 34.48 -18.93
C ARG B 366 -4.28 34.30 -20.30
N THR B 367 -5.21 33.37 -20.43
CA THR B 367 -5.85 33.16 -21.71
C THR B 367 -7.36 33.08 -21.61
N VAL B 368 -7.90 33.24 -20.41
CA VAL B 368 -9.32 33.00 -20.20
C VAL B 368 -9.95 34.00 -19.23
N LYS B 369 -11.06 34.58 -19.64
CA LYS B 369 -11.82 35.48 -18.77
C LYS B 369 -12.63 34.71 -17.73
N ILE B 370 -12.56 35.15 -16.47
CA ILE B 370 -13.28 34.51 -15.38
C ILE B 370 -14.35 35.43 -14.79
N SER B 371 -15.62 35.05 -14.93
CA SER B 371 -16.72 35.89 -14.46
C SER B 371 -17.19 35.50 -13.06
N ASP B 372 -17.01 34.23 -12.71
CA ASP B 372 -17.45 33.73 -11.40
C ASP B 372 -16.50 34.15 -10.28
N PRO B 373 -17.03 34.92 -9.31
CA PRO B 373 -16.20 35.51 -8.25
C PRO B 373 -15.56 34.49 -7.30
N ASP B 374 -16.24 33.38 -7.03
CA ASP B 374 -15.69 32.34 -6.16
C ASP B 374 -14.49 31.64 -6.80
N LEU B 375 -14.62 31.31 -8.08
CA LEU B 375 -13.52 30.76 -8.85
C LEU B 375 -12.37 31.76 -8.96
N PHE B 376 -12.69 32.99 -9.36
CA PHE B 376 -11.68 34.03 -9.53
C PHE B 376 -10.81 34.18 -8.29
N LYS B 377 -11.44 34.28 -7.12
CA LYS B 377 -10.71 34.41 -5.87
C LYS B 377 -9.73 33.26 -5.67
N MET B 378 -10.16 32.07 -6.06
CA MET B 378 -9.34 30.88 -5.84
C MET B 378 -8.09 30.87 -6.71
N ILE B 379 -8.26 31.20 -7.99
CA ILE B 379 -7.12 31.24 -8.91
C ILE B 379 -6.17 32.35 -8.46
N LYS B 380 -6.75 33.47 -8.04
CA LYS B 380 -5.97 34.61 -7.59
C LYS B 380 -5.10 34.25 -6.39
N PHE B 381 -5.70 33.59 -5.39
CA PHE B 381 -4.96 33.18 -4.19
C PHE B 381 -3.85 32.20 -4.55
N CYS B 382 -4.13 31.30 -5.48
CA CYS B 382 -3.12 30.36 -5.95
C CYS B 382 -1.94 31.07 -6.60
N LEU B 383 -2.21 32.01 -7.49
CA LEU B 383 -1.17 32.76 -8.19
C LEU B 383 -0.29 33.50 -7.17
N LEU B 384 -0.93 34.15 -6.21
CA LEU B 384 -0.22 34.88 -5.18
C LEU B 384 0.76 33.96 -4.45
N GLN B 385 0.29 32.78 -4.01
CA GLN B 385 1.14 31.82 -3.32
C GLN B 385 2.33 31.41 -4.18
N SER B 386 2.08 31.24 -5.48
CA SER B 386 3.12 30.88 -6.42
C SER B 386 4.17 31.98 -6.55
N MET B 387 3.73 33.24 -6.49
CA MET B 387 4.70 34.34 -6.56
C MET B 387 5.56 34.40 -5.30
N LYS B 388 4.92 34.30 -4.13
CA LYS B 388 5.63 34.34 -2.86
C LYS B 388 6.69 33.24 -2.78
N HIS B 389 6.32 32.04 -3.17
CA HIS B 389 7.24 30.92 -3.13
CA HIS B 389 7.23 30.89 -3.16
C HIS B 389 8.41 31.12 -4.10
N CYS B 390 8.13 31.68 -5.27
CA CYS B 390 9.21 31.98 -6.23
C CYS B 390 10.11 33.07 -5.69
N GLN B 391 9.53 33.99 -4.93
CA GLN B 391 10.26 35.13 -4.39
C GLN B 391 11.15 34.72 -3.23
N VAL B 392 10.64 33.79 -2.41
CA VAL B 392 11.38 33.28 -1.27
C VAL B 392 12.57 32.45 -1.77
N GLN B 393 12.32 31.71 -2.85
CA GLN B 393 13.35 30.87 -3.46
C GLN B 393 14.45 31.69 -4.13
N ARG B 394 14.06 32.77 -4.81
CA ARG B 394 15.06 33.63 -5.45
C ARG B 394 16.01 34.31 -4.47
N GLU B 395 15.55 34.73 -3.28
CA GLU B 395 16.48 35.32 -2.31
C GLU B 395 17.41 34.31 -1.73
N SER B 396 16.91 33.11 -1.49
CA SER B 396 17.74 32.21 -0.75
C SER B 396 18.85 31.78 -1.68
N LEU B 397 18.56 31.74 -2.98
CA LEU B 397 19.60 31.41 -3.94
C LEU B 397 20.56 32.58 -4.06
N VAL B 398 20.03 33.78 -3.89
CA VAL B 398 20.85 34.99 -4.01
C VAL B 398 21.84 35.15 -2.86
N ARG B 399 21.39 34.94 -1.63
CA ARG B 399 22.35 35.04 -0.55
C ARG B 399 22.93 33.67 -0.23
N ALA B 400 23.37 33.00 -1.29
CA ALA B 400 24.16 31.80 -1.20
C ALA B 400 25.12 31.94 -2.35
N GLY B 401 25.05 33.11 -2.99
CA GLY B 401 25.87 33.43 -4.13
C GLY B 401 25.59 32.52 -5.31
N LYS B 402 24.41 31.89 -5.32
CA LYS B 402 24.03 31.07 -6.45
C LYS B 402 23.51 31.94 -7.59
N LYS B 403 23.95 31.62 -8.79
CA LYS B 403 23.64 32.39 -9.98
C LYS B 403 22.40 31.84 -10.69
N ILE B 404 21.48 32.74 -11.05
CA ILE B 404 20.25 32.38 -11.72
C ILE B 404 20.21 32.97 -13.12
N ALA B 405 20.27 32.13 -14.14
CA ALA B 405 20.22 32.59 -15.52
C ALA B 405 18.76 32.70 -15.98
N TYR B 406 18.47 33.70 -16.81
CA TYR B 406 17.13 33.81 -17.37
C TYR B 406 17.00 32.96 -18.62
N GLN B 407 16.15 31.95 -18.54
CA GLN B 407 15.73 31.21 -19.70
C GLN B 407 14.33 31.71 -19.99
N GLY B 408 13.94 31.76 -21.25
CA GLY B 408 12.59 32.18 -21.55
C GLY B 408 11.66 30.99 -21.47
N ARG B 409 10.42 31.19 -21.89
CA ARG B 409 9.56 30.09 -22.27
C ARG B 409 9.50 30.20 -23.78
N VAL B 410 9.69 29.08 -24.47
CA VAL B 410 9.37 29.07 -25.90
C VAL B 410 7.88 28.80 -25.96
N LYS B 411 7.29 28.98 -27.13
CA LYS B 411 5.87 28.67 -27.30
C LYS B 411 5.67 27.16 -27.26
N ASP B 412 4.57 26.74 -26.64
CA ASP B 412 4.26 25.31 -26.57
C ASP B 412 5.27 24.53 -25.73
N GLU B 413 5.84 25.19 -24.73
CA GLU B 413 6.75 24.51 -23.83
C GLU B 413 5.94 23.85 -22.71
N PRO B 414 6.25 22.57 -22.41
CA PRO B 414 5.50 21.79 -21.43
C PRO B 414 5.77 22.29 -20.02
N ALA B 415 5.02 21.79 -19.04
CA ALA B 415 5.36 21.98 -17.64
C ALA B 415 6.50 21.02 -17.30
N TYR B 416 7.17 21.26 -16.18
CA TYR B 416 8.30 20.42 -15.81
C TYR B 416 8.06 19.67 -14.50
N TYR B 417 8.61 18.47 -14.40
CA TYR B 417 8.53 17.65 -13.18
C TYR B 417 9.93 17.25 -12.73
N CYS B 418 10.13 17.11 -11.42
CA CYS B 418 11.43 16.66 -10.88
C CYS B 418 11.72 15.21 -11.23
N ASN B 419 12.87 14.99 -11.84
CA ASN B 419 13.30 13.66 -12.24
C ASN B 419 13.34 12.67 -11.07
N GLU B 420 13.43 13.17 -9.84
CA GLU B 420 13.53 12.30 -8.67
C GLU B 420 12.22 12.10 -7.91
N CYS B 421 11.59 13.19 -7.51
CA CYS B 421 10.41 13.09 -6.64
C CYS B 421 9.07 13.27 -7.38
N ASP B 422 9.13 13.61 -8.66
CA ASP B 422 7.92 13.73 -9.49
C ASP B 422 7.07 14.96 -9.20
N VAL B 423 7.57 15.86 -8.35
CA VAL B 423 6.85 17.08 -8.02
C VAL B 423 6.91 18.05 -9.21
N GLU B 424 5.83 18.82 -9.41
CA GLU B 424 5.88 19.87 -10.44
C GLU B 424 6.90 20.95 -10.09
N VAL B 425 7.77 21.25 -11.05
CA VAL B 425 8.72 22.34 -10.90
C VAL B 425 8.23 23.46 -11.79
N PHE B 426 8.06 24.64 -11.19
CA PHE B 426 7.57 25.82 -11.89
C PHE B 426 8.57 26.96 -11.76
N ASN B 427 8.58 27.86 -12.74
CA ASN B 427 9.55 28.94 -12.75
C ASN B 427 10.99 28.42 -12.82
N ILE B 428 11.83 28.80 -11.88
CA ILE B 428 13.23 28.40 -11.92
C ILE B 428 13.35 26.87 -11.87
N LEU B 429 14.23 26.35 -12.72
CA LEU B 429 14.44 24.92 -12.83
C LEU B 429 15.90 24.55 -12.57
N PHE B 430 16.11 23.52 -11.78
CA PHE B 430 17.47 23.06 -11.45
C PHE B 430 17.85 21.94 -12.40
N VAL B 431 18.98 22.12 -13.09
CA VAL B 431 19.29 21.34 -14.27
C VAL B 431 20.66 20.69 -14.20
N THR B 432 20.75 19.45 -14.67
CA THR B 432 22.02 18.72 -14.69
C THR B 432 22.28 18.03 -16.03
N SER B 433 23.49 17.53 -16.21
CA SER B 433 23.93 16.99 -17.49
C SER B 433 24.54 15.60 -17.38
N GLU B 434 23.88 14.61 -17.97
CA GLU B 434 24.34 13.23 -17.92
C GLU B 434 25.34 12.93 -19.04
N THR B 440 22.10 14.12 -22.09
CA THR B 440 20.93 15.00 -22.09
C THR B 440 20.85 15.79 -20.79
N TYR B 441 19.85 16.66 -20.70
CA TYR B 441 19.61 17.51 -19.55
C TYR B 441 18.48 17.01 -18.65
N LEU B 442 18.60 17.25 -17.35
CA LEU B 442 17.59 16.84 -16.39
C LEU B 442 17.14 17.97 -15.47
N VAL B 443 15.85 17.98 -15.13
CA VAL B 443 15.27 19.01 -14.27
C VAL B 443 14.89 18.43 -12.89
N HIS B 444 15.20 19.17 -11.83
CA HIS B 444 14.89 18.74 -10.47
C HIS B 444 14.23 19.88 -9.69
N CYS B 445 13.61 19.54 -8.57
CA CYS B 445 13.26 20.57 -7.59
C CYS B 445 14.52 20.92 -6.79
N GLU B 446 14.44 21.88 -5.88
CA GLU B 446 15.62 22.31 -5.14
C GLU B 446 16.13 21.23 -4.18
N GLY B 447 15.23 20.65 -3.41
CA GLY B 447 15.60 19.59 -2.48
C GLY B 447 16.38 18.48 -3.16
N CYS B 448 15.88 18.00 -4.28
CA CYS B 448 16.51 16.89 -4.99
C CYS B 448 17.84 17.27 -5.65
N ALA B 449 17.98 18.52 -6.05
CA ALA B 449 19.24 19.01 -6.61
C ALA B 449 20.30 19.11 -5.52
N ARG B 450 19.91 19.68 -4.38
CA ARG B 450 20.77 19.81 -3.21
C ARG B 450 21.15 18.46 -2.58
N ARG B 451 20.16 17.58 -2.44
CA ARG B 451 20.41 16.20 -1.99
C ARG B 451 21.50 15.57 -2.83
N ARG B 452 21.41 15.77 -4.15
CA ARG B 452 22.41 15.30 -5.11
C ARG B 452 23.77 16.00 -5.00
N SER B 453 23.73 17.32 -4.86
CA SER B 453 24.94 18.12 -4.65
C SER B 453 24.66 19.01 -3.44
N ALA B 454 25.51 18.95 -2.42
CA ALA B 454 25.31 19.83 -1.27
C ALA B 454 25.47 21.27 -1.72
N GLY B 455 26.49 21.47 -2.55
CA GLY B 455 26.80 22.76 -3.14
C GLY B 455 25.75 23.30 -4.11
N LEU B 456 25.17 22.40 -4.89
CA LEU B 456 24.30 22.78 -5.99
C LEU B 456 25.29 22.95 -7.14
N GLN B 457 26.53 22.61 -6.82
CA GLN B 457 27.65 22.63 -7.74
C GLN B 457 27.40 21.69 -8.91
N GLY B 458 27.60 22.18 -10.13
CA GLY B 458 27.30 21.41 -11.32
C GLY B 458 25.81 21.46 -11.61
N VAL B 459 25.11 22.30 -10.86
CA VAL B 459 23.70 22.54 -11.07
C VAL B 459 23.48 23.93 -11.66
N VAL B 460 22.80 23.99 -12.80
CA VAL B 460 22.44 25.26 -13.41
C VAL B 460 21.02 25.61 -13.02
N VAL B 461 20.84 26.79 -12.41
CA VAL B 461 19.52 27.25 -12.03
C VAL B 461 18.96 28.17 -13.10
N LEU B 462 17.74 27.89 -13.56
CA LEU B 462 17.10 28.71 -14.58
C LEU B 462 15.85 29.43 -14.07
N GLU B 463 15.60 30.62 -14.61
CA GLU B 463 14.40 31.38 -14.33
C GLU B 463 13.59 31.45 -15.62
N GLN B 464 12.33 31.03 -15.56
CA GLN B 464 11.48 31.07 -16.75
C GLN B 464 10.68 32.38 -16.82
N TYR B 465 10.29 32.88 -15.65
CA TYR B 465 9.54 34.12 -15.55
C TYR B 465 10.20 35.02 -14.50
N ARG B 466 10.58 36.23 -14.90
CA ARG B 466 11.09 37.20 -13.94
C ARG B 466 9.98 37.60 -12.99
N THR B 467 10.36 38.17 -11.85
CA THR B 467 9.37 38.62 -10.88
C THR B 467 8.35 39.51 -11.57
N GLU B 468 8.83 40.34 -12.50
CA GLU B 468 7.99 41.33 -13.16
C GLU B 468 6.92 40.74 -14.08
N GLU B 469 7.29 39.72 -14.85
CA GLU B 469 6.31 39.04 -15.71
C GLU B 469 5.16 38.51 -14.86
N LEU B 470 5.48 37.77 -13.81
CA LEU B 470 4.45 37.19 -12.94
C LEU B 470 3.66 38.29 -12.23
N ALA B 471 4.33 39.37 -11.86
CA ALA B 471 3.68 40.47 -11.16
C ALA B 471 2.67 41.19 -12.07
N GLN B 472 3.04 41.36 -13.33
CA GLN B 472 2.17 42.05 -14.29
C GLN B 472 1.01 41.19 -14.78
N ALA B 473 1.27 39.91 -15.06
CA ALA B 473 0.21 38.96 -15.37
C ALA B 473 -0.83 38.90 -14.24
N TYR B 474 -0.35 38.87 -13.00
CA TYR B 474 -1.21 38.79 -11.84
C TYR B 474 -2.12 40.01 -11.70
N ASP B 475 -1.54 41.19 -11.81
CA ASP B 475 -2.29 42.44 -11.67
C ASP B 475 -3.28 42.67 -12.81
N ALA B 476 -3.00 42.08 -13.97
CA ALA B 476 -3.85 42.26 -15.14
C ALA B 476 -5.00 41.26 -15.11
N PHE B 477 -4.89 40.27 -14.24
CA PHE B 477 -5.90 39.24 -14.07
C PHE B 477 -7.03 39.75 -13.20
N THR B 478 -8.14 40.12 -13.84
CA THR B 478 -9.27 40.73 -13.14
C THR B 478 -10.57 39.98 -13.38
N LEU B 479 -11.54 40.18 -12.51
CA LEU B 479 -12.85 39.55 -12.64
C LEU B 479 -13.61 40.12 -13.85
N ALA B 480 -14.07 39.20 -14.69
CA ALA B 480 -14.78 39.53 -15.91
C ALA B 480 -16.21 39.96 -15.65
N PRO B 481 -16.79 40.61 -16.64
CA PRO B 481 -18.20 41.01 -16.63
C PRO B 481 -19.00 39.73 -16.82
C1 OGA C . 14.33 -6.04 15.09
C2 OGA C . 15.03 -5.97 16.38
C4 OGA C . 15.66 -4.70 18.34
C5 OGA C . 16.16 -3.29 18.59
O1 OGA C . 13.97 -4.98 14.55
O2 OGA C . 14.11 -7.16 14.59
O2' OGA C . 15.60 -6.96 16.80
O3 OGA C . 16.55 -3.00 19.74
N1 OGA C . 15.03 -4.82 17.04
O4 OGA C . 16.14 -2.48 17.64
NI NI D . 14.79 -8.66 15.84
ZN ZN E . -2.68 -30.17 23.35
C1 OGA F . -14.86 6.65 -16.01
C2 OGA F . -14.65 5.24 -15.68
C4 OGA F . -14.60 2.92 -16.37
C5 OGA F . -15.51 2.02 -17.18
O1 OGA F . -15.59 6.94 -16.98
O2 OGA F . -14.30 7.52 -15.32
O2' OGA F . -14.27 4.94 -14.55
O3 OGA F . -15.43 0.79 -17.03
N1 OGA F . -14.89 4.32 -16.61
O4 OGA F . -16.31 2.56 -17.99
NI NI G . -13.61 6.78 -13.63
ZN ZN H . 12.46 16.56 -6.48
#